data_3MIJ
# 
_entry.id   3MIJ 
# 
_audit_conform.dict_name       mmcif_pdbx.dic 
_audit_conform.dict_version    5.379 
_audit_conform.dict_location   http://mmcif.pdb.org/dictionaries/ascii/mmcif_pdbx.dic 
# 
loop_
_database_2.database_id 
_database_2.database_code 
_database_2.pdbx_database_accession 
_database_2.pdbx_DOI 
PDB   3MIJ         pdb_00003mij 10.2210/pdb3mij/pdb 
NDB   NA0512       ?            ?                   
RCSB  RCSB058588   ?            ?                   
WWPDB D_1000058588 ?            ?                   
# 
_pdbx_database_status.status_code                     REL 
_pdbx_database_status.entry_id                        3MIJ 
_pdbx_database_status.recvd_initial_deposition_date   2010-04-10 
_pdbx_database_status.deposit_site                    RCSB 
_pdbx_database_status.process_site                    RCSB 
_pdbx_database_status.status_code_sf                  REL 
_pdbx_database_status.status_code_mr                  ? 
_pdbx_database_status.SG_entry                        ? 
_pdbx_database_status.status_code_cs                  ? 
_pdbx_database_status.pdb_format_compatible           Y 
_pdbx_database_status.status_code_nmr_data            ? 
_pdbx_database_status.methods_development_category    ? 
# 
loop_
_audit_author.name 
_audit_author.pdbx_ordinal 
'Collie, G.W.'    1 
'Neidle, S.'      2 
'Parkinson, G.N.' 3 
# 
_citation.id                        primary 
_citation.title                     'Structural basis of telomeric RNA quadruplex-acridine ligand recognition.' 
_citation.journal_abbrev            J.Am.Chem.Soc. 
_citation.journal_volume            133 
_citation.page_first                2721 
_citation.page_last                 2728 
_citation.year                      2011 
_citation.journal_id_ASTM           JACSAT 
_citation.country                   US 
_citation.journal_id_ISSN           0002-7863 
_citation.journal_id_CSD            0004 
_citation.book_publisher            ? 
_citation.pdbx_database_id_PubMed   21291211 
_citation.pdbx_database_id_DOI      10.1021/ja109767y 
# 
loop_
_citation_author.citation_id 
_citation_author.name 
_citation_author.ordinal 
_citation_author.identifier_ORCID 
primary 'Collie, G.W.'    1 ? 
primary 'Sparapani, S.'   2 ? 
primary 'Parkinson, G.N.' 3 ? 
primary 'Neidle, S.'      4 ? 
# 
_cell.entry_id           3MIJ 
_cell.length_a           56.606 
_cell.length_b           56.606 
_cell.length_c           56.606 
_cell.angle_alpha        90.00 
_cell.angle_beta         90.00 
_cell.angle_gamma        90.00 
_cell.Z_PDB              12 
_cell.pdbx_unique_axis   ? 
_cell.length_a_esd       ? 
_cell.length_b_esd       ? 
_cell.length_c_esd       ? 
_cell.angle_alpha_esd    ? 
_cell.angle_beta_esd     ? 
_cell.angle_gamma_esd    ? 
# 
_symmetry.entry_id                         3MIJ 
_symmetry.space_group_name_H-M             'P 2 3' 
_symmetry.pdbx_full_space_group_name_H-M   ? 
_symmetry.cell_setting                     ? 
_symmetry.Int_Tables_number                195 
_symmetry.space_group_name_Hall            ? 
# 
loop_
_entity.id 
_entity.type 
_entity.src_method 
_entity.pdbx_description 
_entity.formula_weight 
_entity.pdbx_number_of_molecules 
_entity.pdbx_ec 
_entity.pdbx_mutation 
_entity.pdbx_fragment 
_entity.details 
1 polymer     syn 
;RNA (5'-R(*UP*AP*GP*GP*GP*UP*UP*AP*GP*GP*GP*U)-3')
;
3909.352 1  ? ? ? 'Human telomeric RNA sequence' 
2 non-polymer syn 'POTASSIUM ION'                                                                                           39.098 
2  ? ? ? ?                              
3 non-polymer syn "N,N'-[acridine-3,6-diylbis(1H-1,2,3-triazole-1,4-diylbenzene-3,1-diyl)]bis[3-(diethylamino)propanamide]" 
749.906  1  ? ? ? ?                              
4 water       nat water                                                                                                     18.015 
16 ? ? ? ?                              
# 
_entity_poly.entity_id                      1 
_entity_poly.type                           polyribonucleotide 
_entity_poly.nstd_linkage                   no 
_entity_poly.nstd_monomer                   no 
_entity_poly.pdbx_seq_one_letter_code       UAGGGUUAGGGU 
_entity_poly.pdbx_seq_one_letter_code_can   UAGGGUUAGGGU 
_entity_poly.pdbx_strand_id                 A 
_entity_poly.pdbx_target_identifier         ? 
# 
loop_
_entity_poly_seq.entity_id 
_entity_poly_seq.num 
_entity_poly_seq.mon_id 
_entity_poly_seq.hetero 
1 1  U n 
1 2  A n 
1 3  G n 
1 4  G n 
1 5  G n 
1 6  U n 
1 7  U n 
1 8  A n 
1 9  G n 
1 10 G n 
1 11 G n 
1 12 U n 
# 
_pdbx_entity_src_syn.entity_id              1 
_pdbx_entity_src_syn.pdbx_src_id            1 
_pdbx_entity_src_syn.pdbx_alt_source_flag   sample 
_pdbx_entity_src_syn.pdbx_beg_seq_num       ? 
_pdbx_entity_src_syn.pdbx_end_seq_num       ? 
_pdbx_entity_src_syn.organism_scientific    'Homo sapiens' 
_pdbx_entity_src_syn.organism_common_name   human 
_pdbx_entity_src_syn.ncbi_taxonomy_id       9606 
_pdbx_entity_src_syn.details                'This sequence occurs naturally in humans.' 
# 
_struct_ref.id                         1 
_struct_ref.db_name                    PDB 
_struct_ref.db_code                    3MIJ 
_struct_ref.pdbx_db_accession          3MIJ 
_struct_ref.entity_id                  1 
_struct_ref.pdbx_align_begin           ? 
_struct_ref.pdbx_seq_one_letter_code   UAGGGUUAGGGU 
_struct_ref.pdbx_db_isoform            ? 
# 
_struct_ref_seq.align_id                      1 
_struct_ref_seq.ref_id                        1 
_struct_ref_seq.pdbx_PDB_id_code              3MIJ 
_struct_ref_seq.pdbx_strand_id                A 
_struct_ref_seq.seq_align_beg                 1 
_struct_ref_seq.pdbx_seq_align_beg_ins_code   ? 
_struct_ref_seq.seq_align_end                 12 
_struct_ref_seq.pdbx_seq_align_end_ins_code   ? 
_struct_ref_seq.pdbx_db_accession             3MIJ 
_struct_ref_seq.db_align_beg                  1 
_struct_ref_seq.pdbx_db_align_beg_ins_code    ? 
_struct_ref_seq.db_align_end                  12 
_struct_ref_seq.pdbx_db_align_end_ins_code    ? 
_struct_ref_seq.pdbx_auth_seq_align_beg       1 
_struct_ref_seq.pdbx_auth_seq_align_end       12 
# 
loop_
_chem_comp.id 
_chem_comp.type 
_chem_comp.mon_nstd_flag 
_chem_comp.name 
_chem_comp.pdbx_synonyms 
_chem_comp.formula 
_chem_comp.formula_weight 
A   'RNA linking' y "ADENOSINE-5'-MONOPHOSPHATE"                                                                              ? 
'C10 H14 N5 O7 P' 347.221 
G   'RNA linking' y "GUANOSINE-5'-MONOPHOSPHATE"                                                                              ? 
'C10 H14 N5 O8 P' 363.221 
HOH non-polymer   . WATER                                                                                                     ? 
'H2 O'            18.015  
K   non-polymer   . 'POTASSIUM ION'                                                                                           ? 
'K 1'             39.098  
R14 non-polymer   . "N,N'-[acridine-3,6-diylbis(1H-1,2,3-triazole-1,4-diylbenzene-3,1-diyl)]bis[3-(diethylamino)propanamide]" 
'triazole-acridine conjugate' 'C43 H47 N11 O2'  749.906 
U   'RNA linking' y "URIDINE-5'-MONOPHOSPHATE"                                                                                ? 
'C9 H13 N2 O9 P'  324.181 
# 
_exptl.entry_id          3MIJ 
_exptl.method            'X-RAY DIFFRACTION' 
_exptl.crystals_number   1 
# 
_exptl_crystal.id                    1 
_exptl_crystal.density_meas          ? 
_exptl_crystal.density_Matthews      3.87 
_exptl_crystal.density_percent_sol   68.19 
_exptl_crystal.description           ? 
_exptl_crystal.F_000                 ? 
_exptl_crystal.preparation           ? 
# 
_exptl_crystal_grow.crystal_id      1 
_exptl_crystal_grow.method          'VAPOR DIFFUSION, HANGING DROP' 
_exptl_crystal_grow.temp            285 
_exptl_crystal_grow.temp_details    ? 
_exptl_crystal_grow.pH              6.5 
_exptl_crystal_grow.pdbx_details    
;MPD, sodium chloride, potassium chloride, sodium cacodylate, potassium cacodylate, spermine, pH 6.5, VAPOR DIFFUSION, HANGING DROP, temperature 285K
;
_exptl_crystal_grow.pdbx_pH_range   ? 
# 
_diffrn.id                     1 
_diffrn.ambient_temp           100 
_diffrn.ambient_temp_details   ? 
_diffrn.crystal_id             1 
# 
_diffrn_detector.diffrn_id              1 
_diffrn_detector.detector               CCD 
_diffrn_detector.type                   'ADSC QUANTUM 315' 
_diffrn_detector.pdbx_collection_date   2010-02-01 
_diffrn_detector.details                Monochromator 
# 
_diffrn_radiation.diffrn_id                        1 
_diffrn_radiation.wavelength_id                    1 
_diffrn_radiation.pdbx_monochromatic_or_laue_m_l   M 
_diffrn_radiation.monochromator                    ? 
_diffrn_radiation.pdbx_diffrn_protocol             'SINGLE WAVELENGTH' 
_diffrn_radiation.pdbx_scattering_type             x-ray 
# 
_diffrn_radiation_wavelength.id           1 
_diffrn_radiation_wavelength.wavelength   0.97630 
_diffrn_radiation_wavelength.wt           1.0 
# 
_diffrn_source.diffrn_id                   1 
_diffrn_source.source                      SYNCHROTRON 
_diffrn_source.type                        'DIAMOND BEAMLINE I04' 
_diffrn_source.pdbx_synchrotron_site       Diamond 
_diffrn_source.pdbx_synchrotron_beamline   I04 
_diffrn_source.pdbx_wavelength             ? 
_diffrn_source.pdbx_wavelength_list        0.97630 
# 
_reflns.entry_id                     3MIJ 
_reflns.observed_criterion_sigma_I   2.0 
_reflns.observed_criterion_sigma_F   2.0 
_reflns.d_resolution_low             17.90 
_reflns.d_resolution_high            2.40 
_reflns.number_obs                   2511 
_reflns.number_all                   2511 
_reflns.percent_possible_obs         100 
_reflns.pdbx_Rmerge_I_obs            0.055 
_reflns.pdbx_Rsym_value              ? 
_reflns.pdbx_netI_over_sigmaI        16.1 
_reflns.B_iso_Wilson_estimate        26.462 
_reflns.pdbx_redundancy              6.6 
_reflns.R_free_details               ? 
_reflns.limit_h_max                  ? 
_reflns.limit_h_min                  ? 
_reflns.limit_k_max                  ? 
_reflns.limit_k_min                  ? 
_reflns.limit_l_max                  ? 
_reflns.limit_l_min                  ? 
_reflns.observed_criterion_F_max     ? 
_reflns.observed_criterion_F_min     ? 
_reflns.pdbx_chi_squared             ? 
_reflns.pdbx_scaling_rejects         ? 
_reflns.pdbx_diffrn_id               1 
_reflns.pdbx_ordinal                 1 
# 
_reflns_shell.d_res_high             2.40 
_reflns_shell.d_res_low              2.49 
_reflns_shell.percent_possible_all   100 
_reflns_shell.Rmerge_I_obs           0.368 
_reflns_shell.pdbx_Rsym_value        ? 
_reflns_shell.meanI_over_sigI_obs    4.3 
_reflns_shell.pdbx_redundancy        6.78 
_reflns_shell.percent_possible_obs   ? 
_reflns_shell.number_unique_all      ? 
_reflns_shell.number_measured_all    ? 
_reflns_shell.number_measured_obs    ? 
_reflns_shell.number_unique_obs      ? 
_reflns_shell.pdbx_chi_squared       ? 
_reflns_shell.pdbx_diffrn_id         ? 
_reflns_shell.pdbx_ordinal           1 
# 
_refine.entry_id                                 3MIJ 
_refine.ls_number_reflns_obs                     1901 
_refine.ls_number_reflns_all                     ? 
_refine.pdbx_ls_sigma_I                          ? 
_refine.pdbx_ls_sigma_F                          ? 
_refine.pdbx_data_cutoff_high_absF               ? 
_refine.pdbx_data_cutoff_low_absF                ? 
_refine.pdbx_data_cutoff_high_rms_absF           ? 
_refine.ls_d_res_low                             16.34 
_refine.ls_d_res_high                            2.60 
_refine.ls_percent_reflns_obs                    99.95 
_refine.ls_R_factor_obs                          0.23603 
_refine.ls_R_factor_all                          ? 
_refine.ls_R_factor_R_work                       0.23543 
_refine.ls_R_factor_R_free                       0.24752 
_refine.ls_R_factor_R_free_error                 ? 
_refine.ls_R_factor_R_free_error_details         ? 
_refine.ls_percent_reflns_R_free                 4.6 
_refine.ls_number_reflns_R_free                  91 
_refine.ls_number_parameters                     ? 
_refine.ls_number_restraints                     ? 
_refine.occupancy_min                            ? 
_refine.occupancy_max                            ? 
_refine.correlation_coeff_Fo_to_Fc               0.942 
_refine.correlation_coeff_Fo_to_Fc_free          0.956 
_refine.B_iso_mean                               26.462 
_refine.aniso_B[1][1]                            ? 
_refine.aniso_B[2][2]                            ? 
_refine.aniso_B[3][3]                            ? 
_refine.aniso_B[1][2]                            ? 
_refine.aniso_B[1][3]                            ? 
_refine.aniso_B[2][3]                            ? 
_refine.solvent_model_details                    MASK 
_refine.solvent_model_param_ksol                 ? 
_refine.solvent_model_param_bsol                 ? 
_refine.pdbx_solvent_vdw_probe_radii             1.40 
_refine.pdbx_solvent_ion_probe_radii             0.80 
_refine.pdbx_solvent_shrinkage_radii             0.80 
_refine.pdbx_ls_cross_valid_method               THROUGHOUT 
_refine.details                                  'HYDROGENS HAVE BEEN ADDED IN THE RIDING POSITIONS' 
_refine.pdbx_starting_model                      'PDB ID 3IBK' 
_refine.pdbx_method_to_determine_struct          'MOLECULAR REPLACEMENT' 
_refine.pdbx_isotropic_thermal_model             ? 
_refine.pdbx_stereochemistry_target_values       'MAXIMUM LIKELIHOOD' 
_refine.pdbx_stereochem_target_val_spec_case     ? 
_refine.pdbx_R_Free_selection_details            RANDOM 
_refine.pdbx_overall_ESU_R                       0.476 
_refine.pdbx_overall_ESU_R_Free                  0.274 
_refine.overall_SU_ML                            0.227 
_refine.overall_SU_B                             21.757 
_refine.ls_redundancy_reflns_obs                 ? 
_refine.B_iso_min                                ? 
_refine.B_iso_max                                ? 
_refine.overall_SU_R_Cruickshank_DPI             ? 
_refine.overall_SU_R_free                        ? 
_refine.ls_wR_factor_R_free                      ? 
_refine.ls_wR_factor_R_work                      ? 
_refine.overall_FOM_free_R_set                   ? 
_refine.overall_FOM_work_R_set                   ? 
_refine.pdbx_overall_phase_error                 ? 
_refine.pdbx_refine_id                           'X-RAY DIFFRACTION' 
_refine.pdbx_diffrn_id                           1 
_refine.pdbx_TLS_residual_ADP_flag               ? 
_refine.pdbx_overall_SU_R_free_Cruickshank_DPI   ? 
_refine.pdbx_overall_SU_R_Blow_DPI               ? 
_refine.pdbx_overall_SU_R_free_Blow_DPI          ? 
# 
_refine_hist.pdbx_refine_id                   'X-RAY DIFFRACTION' 
_refine_hist.cycle_id                         LAST 
_refine_hist.pdbx_number_atoms_protein        0 
_refine_hist.pdbx_number_atoms_nucleic_acid   259 
_refine_hist.pdbx_number_atoms_ligand         58 
_refine_hist.number_atoms_solvent             16 
_refine_hist.number_atoms_total               333 
_refine_hist.d_res_high                       2.60 
_refine_hist.d_res_low                        16.34 
# 
loop_
_refine_ls_restr.type 
_refine_ls_restr.dev_ideal 
_refine_ls_restr.dev_ideal_target 
_refine_ls_restr.weight 
_refine_ls_restr.number 
_refine_ls_restr.pdbx_refine_id 
_refine_ls_restr.pdbx_restraint_function 
r_bond_refined_d     0.010 0.021 ? 352 'X-RAY DIFFRACTION' ? 
r_angle_refined_deg  1.018 2.994 ? 538 'X-RAY DIFFRACTION' ? 
r_chiral_restr       0.052 0.200 ? 59  'X-RAY DIFFRACTION' ? 
r_gen_planes_refined 0.008 0.021 ? 186 'X-RAY DIFFRACTION' ? 
r_scbond_it          1.244 3.000 ? 352 'X-RAY DIFFRACTION' ? 
r_scangle_it         2.138 4.500 ? 538 'X-RAY DIFFRACTION' ? 
# 
_refine_ls_shell.pdbx_total_number_of_bins_used   20 
_refine_ls_shell.d_res_high                       2.600 
_refine_ls_shell.d_res_low                        2.666 
_refine_ls_shell.number_reflns_R_work             142 
_refine_ls_shell.R_factor_R_work                  0.497 
_refine_ls_shell.percent_reflns_obs               100.00 
_refine_ls_shell.R_factor_R_free                  0.456 
_refine_ls_shell.R_factor_R_free_error            ? 
_refine_ls_shell.percent_reflns_R_free            ? 
_refine_ls_shell.number_reflns_R_free             2 
_refine_ls_shell.number_reflns_all                ? 
_refine_ls_shell.R_factor_all                     ? 
_refine_ls_shell.number_reflns_obs                142 
_refine_ls_shell.redundancy_reflns_obs            ? 
_refine_ls_shell.pdbx_refine_id                   'X-RAY DIFFRACTION' 
# 
_struct.entry_id                  3MIJ 
_struct.title                     'Crystal structure of a telomeric RNA G-quadruplex complexed with an acridine-based ligand.' 
_struct.pdbx_model_details        ? 
_struct.pdbx_CASP_flag            ? 
_struct.pdbx_model_type_details   ? 
# 
_struct_keywords.entry_id        3MIJ 
_struct_keywords.pdbx_keywords   RNA 
_struct_keywords.text            'Quadruplex, RNA-ligand complex, RNA, telomeric' 
# 
loop_
_struct_asym.id 
_struct_asym.pdbx_blank_PDB_chainid_flag 
_struct_asym.pdbx_modified 
_struct_asym.entity_id 
_struct_asym.details 
A N N 1 ? 
B N N 2 ? 
C N N 2 ? 
D N N 3 ? 
E N N 4 ? 
# 
_struct_biol.id        1 
_struct_biol.details   ? 
# 
loop_
_struct_conn.id 
_struct_conn.conn_type_id 
_struct_conn.pdbx_leaving_atom_flag 
_struct_conn.pdbx_PDB_id 
_struct_conn.ptnr1_label_asym_id 
_struct_conn.ptnr1_label_comp_id 
_struct_conn.ptnr1_label_seq_id 
_struct_conn.ptnr1_label_atom_id 
_struct_conn.pdbx_ptnr1_label_alt_id 
_struct_conn.pdbx_ptnr1_PDB_ins_code 
_struct_conn.pdbx_ptnr1_standard_comp_id 
_struct_conn.ptnr1_symmetry 
_struct_conn.ptnr2_label_asym_id 
_struct_conn.ptnr2_label_comp_id 
_struct_conn.ptnr2_label_seq_id 
_struct_conn.ptnr2_label_atom_id 
_struct_conn.pdbx_ptnr2_label_alt_id 
_struct_conn.pdbx_ptnr2_PDB_ins_code 
_struct_conn.ptnr1_auth_asym_id 
_struct_conn.ptnr1_auth_comp_id 
_struct_conn.ptnr1_auth_seq_id 
_struct_conn.ptnr2_auth_asym_id 
_struct_conn.ptnr2_auth_comp_id 
_struct_conn.ptnr2_auth_seq_id 
_struct_conn.ptnr2_symmetry 
_struct_conn.pdbx_ptnr3_label_atom_id 
_struct_conn.pdbx_ptnr3_label_seq_id 
_struct_conn.pdbx_ptnr3_label_comp_id 
_struct_conn.pdbx_ptnr3_label_asym_id 
_struct_conn.pdbx_ptnr3_label_alt_id 
_struct_conn.pdbx_ptnr3_PDB_ins_code 
_struct_conn.details 
_struct_conn.pdbx_dist_value 
_struct_conn.pdbx_value_order 
_struct_conn.pdbx_role 
metalc1 metalc ? ? A G 3  O6 ? ? ? 1_555 C K .  K  ? ? A G 3  A K 22 1_555 ? ? ? ? ? ? ?           2.623 ? ? 
metalc2 metalc ? ? A G 4  O6 ? ? ? 1_555 B K .  K  ? ? A G 4  A K 21 1_555 ? ? ? ? ? ? ?           2.775 ? ? 
metalc3 metalc ? ? A G 4  O6 ? ? ? 1_555 C K .  K  ? ? A G 4  A K 22 1_555 ? ? ? ? ? ? ?           3.334 ? ? 
metalc4 metalc ? ? A G 5  O6 ? ? ? 1_555 B K .  K  ? ? A G 5  A K 21 1_555 ? ? ? ? ? ? ?           2.701 ? ? 
metalc5 metalc ? ? A G 9  O6 ? ? ? 1_555 C K .  K  ? ? A G 9  A K 22 1_555 ? ? ? ? ? ? ?           2.635 ? ? 
metalc6 metalc ? ? A G 10 O6 ? ? ? 1_555 B K .  K  ? ? A G 10 A K 21 1_555 ? ? ? ? ? ? ?           2.727 ? ? 
metalc7 metalc ? ? A G 10 O6 ? ? ? 1_555 C K .  K  ? ? A G 10 A K 22 1_555 ? ? ? ? ? ? ?           2.982 ? ? 
metalc8 metalc ? ? A G 11 O6 ? ? ? 1_555 B K .  K  ? ? A G 11 A K 21 1_555 ? ? ? ? ? ? ?           2.813 ? ? 
hydrog1 hydrog ? ? A G 3  N1 ? ? ? 1_555 A G 9  O6 ? ? A G 3  A G 9  1_555 ? ? ? ? ? ? TYPE_6_PAIR ?     ? ? 
hydrog2 hydrog ? ? A G 3  N2 ? ? ? 1_555 A G 9  N7 ? ? A G 3  A G 9  1_555 ? ? ? ? ? ? TYPE_6_PAIR ?     ? ? 
hydrog3 hydrog ? ? A G 4  N1 ? ? ? 1_555 A G 10 O6 ? ? A G 4  A G 10 1_555 ? ? ? ? ? ? TYPE_6_PAIR ?     ? ? 
hydrog4 hydrog ? ? A G 4  N2 ? ? ? 1_555 A G 10 N7 ? ? A G 4  A G 10 1_555 ? ? ? ? ? ? TYPE_6_PAIR ?     ? ? 
hydrog5 hydrog ? ? A G 5  N1 ? ? ? 1_555 A G 11 O6 ? ? A G 5  A G 11 1_555 ? ? ? ? ? ? TYPE_6_PAIR ?     ? ? 
hydrog6 hydrog ? ? A G 5  N2 ? ? ? 1_555 A G 11 N7 ? ? A G 5  A G 11 1_555 ? ? ? ? ? ? TYPE_6_PAIR ?     ? ? 
# 
loop_
_struct_conn_type.id 
_struct_conn_type.criteria 
_struct_conn_type.reference 
metalc ? ? 
hydrog ? ? 
# 
loop_
_struct_site.id 
_struct_site.pdbx_evidence_code 
_struct_site.pdbx_auth_asym_id 
_struct_site.pdbx_auth_comp_id 
_struct_site.pdbx_auth_seq_id 
_struct_site.pdbx_auth_ins_code 
_struct_site.pdbx_num_residues 
_struct_site.details 
AC1 Software A K   21 ? 10 'BINDING SITE FOR RESIDUE K A 21'   
AC2 Software A K   22 ? 10 'BINDING SITE FOR RESIDUE K A 22'   
AC3 Software A R14 30 ? 12 'BINDING SITE FOR RESIDUE R14 A 30' 
# 
loop_
_struct_site_gen.id 
_struct_site_gen.site_id 
_struct_site_gen.pdbx_num_res 
_struct_site_gen.label_comp_id 
_struct_site_gen.label_asym_id 
_struct_site_gen.label_seq_id 
_struct_site_gen.pdbx_auth_ins_code 
_struct_site_gen.auth_comp_id 
_struct_site_gen.auth_asym_id 
_struct_site_gen.auth_seq_id 
_struct_site_gen.label_atom_id 
_struct_site_gen.label_alt_id 
_struct_site_gen.symmetry 
_struct_site_gen.details 
1  AC1 10 G   A 4  ? G   A 4  . ? 4_545  ? 
2  AC1 10 G   A 4  ? G   A 4  . ? 1_555  ? 
3  AC1 10 G   A 5  ? G   A 5  . ? 4_545  ? 
4  AC1 10 G   A 5  ? G   A 5  . ? 1_555  ? 
5  AC1 10 G   A 10 ? G   A 10 . ? 1_555  ? 
6  AC1 10 G   A 10 ? G   A 10 . ? 4_545  ? 
7  AC1 10 G   A 11 ? G   A 11 . ? 4_545  ? 
8  AC1 10 G   A 11 ? G   A 11 . ? 1_555  ? 
9  AC1 10 K   C .  ? K   A 22 . ? 4_545  ? 
10 AC1 10 K   C .  ? K   A 22 . ? 1_555  ? 
11 AC2 10 G   A 3  ? G   A 3  . ? 4_545  ? 
12 AC2 10 G   A 3  ? G   A 3  . ? 1_555  ? 
13 AC2 10 G   A 4  ? G   A 4  . ? 1_555  ? 
14 AC2 10 G   A 4  ? G   A 4  . ? 4_545  ? 
15 AC2 10 G   A 9  ? G   A 9  . ? 4_545  ? 
16 AC2 10 G   A 9  ? G   A 9  . ? 1_555  ? 
17 AC2 10 G   A 10 ? G   A 10 . ? 1_555  ? 
18 AC2 10 G   A 10 ? G   A 10 . ? 4_545  ? 
19 AC2 10 K   B .  ? K   A 21 . ? 4_545  ? 
20 AC2 10 K   B .  ? K   A 21 . ? 1_555  ? 
21 AC3 12 U   A 1  ? U   A 1  . ? 1_555  ? 
22 AC3 12 U   A 1  ? U   A 1  . ? 3_655  ? 
23 AC3 12 A   A 2  ? A   A 2  . ? 1_555  ? 
24 AC3 12 G   A 3  ? G   A 3  . ? 1_555  ? 
25 AC3 12 U   A 6  ? U   A 6  . ? 10_555 ? 
26 AC3 12 A   A 8  ? A   A 8  . ? 1_555  ? 
27 AC3 12 G   A 9  ? G   A 9  . ? 4_545  ? 
28 AC3 12 G   A 10 ? G   A 10 . ? 10_555 ? 
29 AC3 12 HOH E .  ? HOH A 45 . ? 1_555  ? 
30 AC3 12 HOH E .  ? HOH A 48 . ? 1_555  ? 
31 AC3 12 HOH E .  ? HOH A 54 . ? 1_555  ? 
32 AC3 12 HOH E .  ? HOH A 56 . ? 3_655  ? 
# 
_atom_sites.entry_id                    3MIJ 
_atom_sites.fract_transf_matrix[1][1]   -0.00728060 
_atom_sites.fract_transf_matrix[1][2]   -0.01585082 
_atom_sites.fract_transf_matrix[1][3]   0.00279857 
_atom_sites.fract_transf_matrix[2][1]   -0.00636694 
_atom_sites.fract_transf_matrix[2][2]   0.00001502 
_atom_sites.fract_transf_matrix[2][3]   -0.01647876 
_atom_sites.fract_transf_matrix[3][1]   0.01478318 
_atom_sites.fract_transf_matrix[3][2]   -0.00779993 
_atom_sites.fract_transf_matrix[3][3]   -0.00571893 
_atom_sites.fract_transf_vector[1]      0.370567 
_atom_sites.fract_transf_vector[2]      -0.436375 
_atom_sites.fract_transf_vector[3]      -0.074249 
# 
loop_
_atom_type.symbol 
C 
K 
N 
O 
P 
# 
loop_
_atom_site.group_PDB 
_atom_site.id 
_atom_site.type_symbol 
_atom_site.label_atom_id 
_atom_site.label_alt_id 
_atom_site.label_comp_id 
_atom_site.label_asym_id 
_atom_site.label_entity_id 
_atom_site.label_seq_id 
_atom_site.pdbx_PDB_ins_code 
_atom_site.Cartn_x 
_atom_site.Cartn_y 
_atom_site.Cartn_z 
_atom_site.occupancy 
_atom_site.B_iso_or_equiv 
_atom_site.pdbx_formal_charge 
_atom_site.auth_seq_id 
_atom_site.auth_comp_id 
_atom_site.auth_asym_id 
_atom_site.auth_atom_id 
_atom_site.pdbx_PDB_model_num 
ATOM   1   O "O5'" . U   A 1 1  ? 6.740   -8.343  -15.165 1.00 28.59 ? 1  U   A "O5'" 1 
ATOM   2   C "C5'" . U   A 1 1  ? 5.794   -9.355  -15.543 1.00 28.04 ? 1  U   A "C5'" 1 
ATOM   3   C "C4'" . U   A 1 1  ? 4.518   -9.281  -14.700 1.00 27.53 ? 1  U   A "C4'" 1 
ATOM   4   O "O4'" . U   A 1 1  ? 4.460   -10.420 -13.789 1.00 27.05 ? 1  U   A "O4'" 1 
ATOM   5   C "C3'" . U   A 1 1  ? 4.373   -8.037  -13.818 1.00 26.67 ? 1  U   A "C3'" 1 
ATOM   6   O "O3'" . U   A 1 1  ? 3.660   -7.014  -14.510 1.00 25.48 ? 1  U   A "O3'" 1 
ATOM   7   C "C2'" . U   A 1 1  ? 3.598   -8.578  -12.614 1.00 26.80 ? 1  U   A "C2'" 1 
ATOM   8   O "O2'" . U   A 1 1  ? 2.203   -8.680  -12.855 1.00 26.48 ? 1  U   A "O2'" 1 
ATOM   9   C "C1'" . U   A 1 1  ? 4.206   -9.962  -12.469 1.00 26.42 ? 1  U   A "C1'" 1 
ATOM   10  N N1    . U   A 1 1  ? 5.495   -10.018 -11.656 1.00 25.35 ? 1  U   A N1    1 
ATOM   11  C C2    . U   A 1 1  ? 5.443   -9.903  -10.277 1.00 24.86 ? 1  U   A C2    1 
ATOM   12  O O2    . U   A 1 1  ? 4.400   -9.733  -9.661  1.00 24.67 ? 1  U   A O2    1 
ATOM   13  N N3    . U   A 1 1  ? 6.669   -9.993  -9.644  1.00 24.25 ? 1  U   A N3    1 
ATOM   14  C C4    . U   A 1 1  ? 7.912   -10.186 -10.244 1.00 24.29 ? 1  U   A C4    1 
ATOM   15  O O4    . U   A 1 1  ? 8.926   -10.253 -9.564  1.00 23.69 ? 1  U   A O4    1 
ATOM   16  C C5    . U   A 1 1  ? 7.879   -10.289 -11.672 1.00 24.51 ? 1  U   A C5    1 
ATOM   17  C C6    . U   A 1 1  ? 6.703   -10.212 -12.306 1.00 25.19 ? 1  U   A C6    1 
ATOM   18  P P     . A   A 1 2  ? 3.172   -5.696  -13.747 1.00 25.90 ? 2  A   A P     1 
ATOM   19  O OP1   . A   A 1 2  ? 2.184   -5.023  -14.621 1.00 26.49 ? 2  A   A OP1   1 
ATOM   20  O OP2   . A   A 1 2  ? 4.369   -4.957  -13.288 1.00 25.62 ? 2  A   A OP2   1 
ATOM   21  O "O5'" . A   A 1 2  ? 2.423   -6.297  -12.456 1.00 24.72 ? 2  A   A "O5'" 1 
ATOM   22  C "C5'" . A   A 1 2  ? 1.430   -5.560  -11.762 1.00 23.35 ? 2  A   A "C5'" 1 
ATOM   23  C "C4'" . A   A 1 2  ? 1.970   -5.048  -10.443 1.00 21.42 ? 2  A   A "C4'" 1 
ATOM   24  O "O4'" . A   A 1 2  ? 3.086   -5.870  -10.021 1.00 20.90 ? 2  A   A "O4'" 1 
ATOM   25  C "C3'" . A   A 1 2  ? 2.490   -3.606  -10.490 1.00 21.03 ? 2  A   A "C3'" 1 
ATOM   26  O "O3'" . A   A 1 2  ? 1.981   -2.864  -9.409  1.00 19.71 ? 2  A   A "O3'" 1 
ATOM   27  C "C2'" . A   A 1 2  ? 3.996   -3.762  -10.337 1.00 21.30 ? 2  A   A "C2'" 1 
ATOM   28  O "O2'" . A   A 1 2  ? 4.584   -2.664  -9.652  1.00 22.15 ? 2  A   A "O2'" 1 
ATOM   29  C "C1'" . A   A 1 2  ? 4.079   -5.030  -9.498  1.00 20.21 ? 2  A   A "C1'" 1 
ATOM   30  N N9    . A   A 1 2  ? 5.374   -5.692  -9.596  1.00 19.58 ? 2  A   A N9    1 
ATOM   31  C C8    . A   A 1 2  ? 6.069   -5.978  -10.737 1.00 19.09 ? 2  A   A C8    1 
ATOM   32  N N7    . A   A 1 2  ? 7.219   -6.562  -10.522 1.00 18.94 ? 2  A   A N7    1 
ATOM   33  C C5    . A   A 1 2  ? 7.294   -6.654  -9.142  1.00 18.81 ? 2  A   A C5    1 
ATOM   34  C C6    . A   A 1 2  ? 8.277   -7.174  -8.268  1.00 18.15 ? 2  A   A C6    1 
ATOM   35  N N6    . A   A 1 2  ? 9.418   -7.721  -8.684  1.00 18.86 ? 2  A   A N6    1 
ATOM   36  N N1    . A   A 1 2  ? 8.043   -7.111  -6.947  1.00 17.60 ? 2  A   A N1    1 
ATOM   37  C C2    . A   A 1 2  ? 6.893   -6.584  -6.523  1.00 18.58 ? 2  A   A C2    1 
ATOM   38  N N3    . A   A 1 2  ? 5.899   -6.053  -7.238  1.00 19.82 ? 2  A   A N3    1 
ATOM   39  C C4    . A   A 1 2  ? 6.166   -6.118  -8.557  1.00 19.55 ? 2  A   A C4    1 
ATOM   40  P P     . G   A 1 3  ? 0.484   -2.354  -9.406  1.00 17.68 ? 3  G   A P     1 
ATOM   41  O OP1   . G   A 1 3  ? -0.402  -3.519  -9.610  1.00 16.26 ? 3  G   A OP1   1 
ATOM   42  O OP2   . G   A 1 3  ? 0.414   -1.179  -10.289 1.00 17.22 ? 3  G   A OP2   1 
ATOM   43  O "O5'" . G   A 1 3  ? 0.319   -1.892  -7.906  1.00 16.73 ? 3  G   A "O5'" 1 
ATOM   44  C "C5'" . G   A 1 3  ? 0.231   -2.877  -6.929  1.00 16.54 ? 3  G   A "C5'" 1 
ATOM   45  C "C4'" . G   A 1 3  ? -1.043  -2.729  -6.151  1.00 16.39 ? 3  G   A "C4'" 1 
ATOM   46  O "O4'" . G   A 1 3  ? -1.127  -3.839  -5.233  1.00 16.65 ? 3  G   A "O4'" 1 
ATOM   47  C "C3'" . G   A 1 3  ? -1.115  -1.474  -5.283  1.00 16.62 ? 3  G   A "C3'" 1 
ATOM   48  O "O3'" . G   A 1 3  ? -1.787  -0.440  -5.959  1.00 16.56 ? 3  G   A "O3'" 1 
ATOM   49  C "C2'" . G   A 1 3  ? -1.931  -1.958  -4.102  1.00 17.41 ? 3  G   A "C2'" 1 
ATOM   50  O "O2'" . G   A 1 3  ? -3.317  -2.035  -4.408  1.00 17.36 ? 3  G   A "O2'" 1 
ATOM   51  C "C1'" . G   A 1 3  ? -1.361  -3.355  -3.928  1.00 16.73 ? 3  G   A "C1'" 1 
ATOM   52  N N9    . G   A 1 3  ? -0.109  -3.444  -3.169  1.00 16.11 ? 3  G   A N9    1 
ATOM   53  C C8    . G   A 1 3  ? 1.098   -3.891  -3.641  1.00 16.27 ? 3  G   A C8    1 
ATOM   54  N N7    . G   A 1 3  ? 2.045   -3.894  -2.739  1.00 15.73 ? 3  G   A N7    1 
ATOM   55  C C5    . G   A 1 3  ? 1.422   -3.440  -1.597  1.00 15.83 ? 3  G   A C5    1 
ATOM   56  C C6    . G   A 1 3  ? 1.946   -3.246  -0.308  1.00 17.46 ? 3  G   A C6    1 
ATOM   57  O O6    . G   A 1 3  ? 3.113   -3.427  0.088   1.00 18.98 ? 3  G   A O6    1 
ATOM   58  N N1    . G   A 1 3  ? 0.996   -2.773  0.583   1.00 17.53 ? 3  G   A N1    1 
ATOM   59  C C2    . G   A 1 3  ? -0.303  -2.510  0.264   1.00 17.10 ? 3  G   A C2    1 
ATOM   60  N N2    . G   A 1 3  ? -1.063  -2.057  1.266   1.00 16.08 ? 3  G   A N2    1 
ATOM   61  N N3    . G   A 1 3  ? -0.823  -2.694  -0.950  1.00 17.08 ? 3  G   A N3    1 
ATOM   62  C C4    . G   A 1 3  ? 0.097   -3.159  -1.831  1.00 16.23 ? 3  G   A C4    1 
ATOM   63  P P     . G   A 1 4  ? -1.209  1.051   -5.936  1.00 19.23 ? 4  G   A P     1 
ATOM   64  O OP1   . G   A 1 4  ? -1.865  1.797   -7.029  1.00 19.27 ? 4  G   A OP1   1 
ATOM   65  O OP2   . G   A 1 4  ? 0.275   0.999   -5.881  1.00 17.43 ? 4  G   A OP2   1 
ATOM   66  O "O5'" . G   A 1 4  ? -1.738  1.609   -4.543  1.00 19.42 ? 4  G   A "O5'" 1 
ATOM   67  C "C5'" . G   A 1 4  ? -3.119  1.621   -4.269  1.00 19.67 ? 4  G   A "C5'" 1 
ATOM   68  C "C4'" . G   A 1 4  ? -3.361  1.933   -2.808  1.00 19.48 ? 4  G   A "C4'" 1 
ATOM   69  O "O4'" . G   A 1 4  ? -2.870  0.849   -1.999  1.00 20.10 ? 4  G   A "O4'" 1 
ATOM   70  C "C3'" . G   A 1 4  ? -2.620  3.133   -2.274  1.00 18.85 ? 4  G   A "C3'" 1 
ATOM   71  O "O3'" . G   A 1 4  ? -3.341  4.281   -2.559  1.00 18.90 ? 4  G   A "O3'" 1 
ATOM   72  C "C2'" . G   A 1 4  ? -2.632  2.827   -0.785  1.00 19.36 ? 4  G   A "C2'" 1 
ATOM   73  O "O2'" . G   A 1 4  ? -3.904  3.021   -0.205  1.00 20.00 ? 4  G   A "O2'" 1 
ATOM   74  C "C1'" . G   A 1 4  ? -2.328  1.354   -0.794  1.00 18.71 ? 4  G   A "C1'" 1 
ATOM   75  N N9    . G   A 1 4  ? -0.911  1.033   -0.762  1.00 18.83 ? 4  G   A N9    1 
ATOM   76  C C8    . G   A 1 4  ? -0.134  0.651   -1.829  1.00 19.60 ? 4  G   A C8    1 
ATOM   77  N N7    . G   A 1 4  ? 1.107   0.402   -1.507  1.00 19.31 ? 4  G   A N7    1 
ATOM   78  C C5    . G   A 1 4  ? 1.147   0.626   -0.145  1.00 18.49 ? 4  G   A C5    1 
ATOM   79  C C6    . G   A 1 4  ? 2.219   0.510   0.742   1.00 19.02 ? 4  G   A C6    1 
ATOM   80  O O6    . G   A 1 4  ? 3.387   0.160   0.490   1.00 20.70 ? 4  G   A O6    1 
ATOM   81  N N1    . G   A 1 4  ? 1.864   0.831   2.044   1.00 18.35 ? 4  G   A N1    1 
ATOM   82  C C2    . G   A 1 4  ? 0.606   1.205   2.439   1.00 17.86 ? 4  G   A C2    1 
ATOM   83  N N2    . G   A 1 4  ? 0.447   1.463   3.740   1.00 16.52 ? 4  G   A N2    1 
ATOM   84  N N3    . G   A 1 4  ? -0.423  1.314   1.613   1.00 18.61 ? 4  G   A N3    1 
ATOM   85  C C4    . G   A 1 4  ? -0.078  1.014   0.334   1.00 18.51 ? 4  G   A C4    1 
ATOM   86  P P     . G   A 1 5  ? -2.638  5.701   -2.460  1.00 19.53 ? 5  G   A P     1 
ATOM   87  O OP1   . G   A 1 5  ? -3.647  6.728   -2.771  1.00 20.75 ? 5  G   A OP1   1 
ATOM   88  O OP2   . G   A 1 5  ? -1.374  5.655   -3.234  1.00 18.72 ? 5  G   A OP2   1 
ATOM   89  O "O5'" . G   A 1 5  ? -2.287  5.801   -0.917  1.00 19.43 ? 5  G   A "O5'" 1 
ATOM   90  C "C5'" . G   A 1 5  ? -3.275  6.176   0.036   1.00 20.88 ? 5  G   A "C5'" 1 
ATOM   91  C "C4'" . G   A 1 5  ? -2.599  6.497   1.357   1.00 21.33 ? 5  G   A "C4'" 1 
ATOM   92  O "O4'" . G   A 1 5  ? -1.611  5.464   1.621   1.00 21.41 ? 5  G   A "O4'" 1 
ATOM   93  C "C3'" . G   A 1 5  ? -1.819  7.819   1.359   1.00 21.63 ? 5  G   A "C3'" 1 
ATOM   94  O "O3'" . G   A 1 5  ? -1.770  8.377   2.649   1.00 21.73 ? 5  G   A "O3'" 1 
ATOM   95  C "C2'" . G   A 1 5  ? -0.440  7.370   0.945   1.00 21.75 ? 5  G   A "C2'" 1 
ATOM   96  O "O2'" . G   A 1 5  ? 0.568   8.258   1.369   1.00 23.29 ? 5  G   A "O2'" 1 
ATOM   97  C "C1'" . G   A 1 5  ? -0.342  6.072   1.727   1.00 21.57 ? 5  G   A "C1'" 1 
ATOM   98  N N9    . G   A 1 5  ? 0.725   5.216   1.219   1.00 21.45 ? 5  G   A N9    1 
ATOM   99  C C8    . G   A 1 5  ? 0.951   4.842   -0.084  1.00 21.43 ? 5  G   A C8    1 
ATOM   100 N N7    . G   A 1 5  ? 2.034   4.134   -0.235  1.00 21.47 ? 5  G   A N7    1 
ATOM   101 C C5    . G   A 1 5  ? 2.565   4.050   1.042   1.00 21.27 ? 5  G   A C5    1 
ATOM   102 C C6    . G   A 1 5  ? 3.738   3.414   1.500   1.00 21.60 ? 5  G   A C6    1 
ATOM   103 O O6    . G   A 1 5  ? 4.567   2.756   0.845   1.00 22.27 ? 5  G   A O6    1 
ATOM   104 N N1    . G   A 1 5  ? 3.920   3.580   2.872   1.00 21.04 ? 5  G   A N1    1 
ATOM   105 C C2    . G   A 1 5  ? 3.066   4.282   3.691   1.00 21.13 ? 5  G   A C2    1 
ATOM   106 N N2    . G   A 1 5  ? 3.390   4.347   4.989   1.00 20.87 ? 5  G   A N2    1 
ATOM   107 N N3    . G   A 1 5  ? 1.967   4.882   3.270   1.00 20.88 ? 5  G   A N3    1 
ATOM   108 C C4    . G   A 1 5  ? 1.780   4.724   1.940   1.00 21.11 ? 5  G   A C4    1 
ATOM   109 P P     . U   A 1 6  ? -2.745  9.565   3.036   1.00 22.10 ? 6  U   A P     1 
ATOM   110 O OP1   . U   A 1 6  ? -3.340  10.110  1.793   1.00 21.76 ? 6  U   A OP1   1 
ATOM   111 O OP2   . U   A 1 6  ? -2.024  10.457  3.964   1.00 22.66 ? 6  U   A OP2   1 
ATOM   112 O "O5'" . U   A 1 6  ? -3.858  8.791   3.864   1.00 22.91 ? 6  U   A "O5'" 1 
ATOM   113 C "C5'" . U   A 1 6  ? -4.688  9.473   4.799   1.00 25.21 ? 6  U   A "C5'" 1 
ATOM   114 C "C4'" . U   A 1 6  ? -6.149  9.160   4.522   1.00 26.21 ? 6  U   A "C4'" 1 
ATOM   115 O "O4'" . U   A 1 6  ? -6.930  10.382  4.583   1.00 26.16 ? 6  U   A "O4'" 1 
ATOM   116 C "C3'" . U   A 1 6  ? -6.373  8.565   3.140   1.00 27.40 ? 6  U   A "C3'" 1 
ATOM   117 O "O3'" . U   A 1 6  ? -7.279  7.507   3.166   1.00 27.47 ? 6  U   A "O3'" 1 
ATOM   118 C "C2'" . U   A 1 6  ? -6.873  9.732   2.288   1.00 27.63 ? 6  U   A "C2'" 1 
ATOM   119 O "O2'" . U   A 1 6  ? -7.860  9.373   1.329   1.00 28.75 ? 6  U   A "O2'" 1 
ATOM   120 C "C1'" . U   A 1 6  ? -7.438  10.717  3.305   1.00 26.41 ? 6  U   A "C1'" 1 
ATOM   121 N N1    . U   A 1 6  ? -7.014  12.073  2.945   1.00 24.85 ? 6  U   A N1    1 
ATOM   122 C C2    . U   A 1 6  ? -7.861  13.132  3.140   1.00 23.69 ? 6  U   A C2    1 
ATOM   123 O O2    . U   A 1 6  ? -8.956  13.029  3.661   1.00 22.81 ? 6  U   A O2    1 
ATOM   124 N N3    . U   A 1 6  ? -7.359  14.333  2.715   1.00 23.60 ? 6  U   A N3    1 
ATOM   125 C C4    . U   A 1 6  ? -6.129  14.560  2.114   1.00 24.02 ? 6  U   A C4    1 
ATOM   126 O O4    . U   A 1 6  ? -5.809  15.690  1.787   1.00 25.51 ? 6  U   A O4    1 
ATOM   127 C C5    . U   A 1 6  ? -5.316  13.402  1.932   1.00 23.81 ? 6  U   A C5    1 
ATOM   128 C C6    . U   A 1 6  ? -5.783  12.229  2.334   1.00 24.45 ? 6  U   A C6    1 
ATOM   129 P P     . U   A 1 7  ? -7.442  6.628   1.844   1.00 27.78 ? 7  U   A P     1 
ATOM   130 O OP1   . U   A 1 7  ? -7.151  5.227   2.222   1.00 29.02 ? 7  U   A OP1   1 
ATOM   131 O OP2   . U   A 1 7  ? -6.682  7.252   0.727   1.00 26.84 ? 7  U   A OP2   1 
ATOM   132 O "O5'" . U   A 1 7  ? -8.994  6.826   1.531   1.00 26.40 ? 7  U   A "O5'" 1 
ATOM   133 C "C5'" . U   A 1 7  ? -9.941  5.875   1.958   1.00 25.69 ? 7  U   A "C5'" 1 
ATOM   134 C "C4'" . U   A 1 7  ? -10.860 5.521   0.812   1.00 25.06 ? 7  U   A "C4'" 1 
ATOM   135 O "O4'" . U   A 1 7  ? -10.251 5.939   -0.440  1.00 26.29 ? 7  U   A "O4'" 1 
ATOM   136 C "C3'" . U   A 1 7  ? -11.124 4.044   0.619   1.00 23.77 ? 7  U   A "C3'" 1 
ATOM   137 O "O3'" . U   A 1 7  ? -12.138 3.602   1.522   1.00 21.71 ? 7  U   A "O3'" 1 
ATOM   138 C "C2'" . U   A 1 7  ? -11.609 4.040   -0.839  1.00 25.59 ? 7  U   A "C2'" 1 
ATOM   139 O "O2'" . U   A 1 7  ? -12.970 4.426   -0.979  1.00 25.12 ? 7  U   A "O2'" 1 
ATOM   140 C "C1'" . U   A 1 7  ? -10.716 5.106   -1.488  1.00 26.71 ? 7  U   A "C1'" 1 
ATOM   141 N N1    . U   A 1 7  ? -9.533  4.546   -2.286  1.00 28.57 ? 7  U   A N1    1 
ATOM   142 C C2    . U   A 1 7  ? -9.710  4.224   -3.630  1.00 29.00 ? 7  U   A C2    1 
ATOM   143 O O2    . U   A 1 7  ? -10.773 4.365   -4.217  1.00 29.82 ? 7  U   A O2    1 
ATOM   144 N N3    . U   A 1 7  ? -8.586  3.722   -4.267  1.00 28.75 ? 7  U   A N3    1 
ATOM   145 C C4    . U   A 1 7  ? -7.329  3.510   -3.714  1.00 28.53 ? 7  U   A C4    1 
ATOM   146 O O4    . U   A 1 7  ? -6.423  3.055   -4.408  1.00 27.58 ? 7  U   A O4    1 
ATOM   147 C C5    . U   A 1 7  ? -7.216  3.863   -2.313  1.00 28.94 ? 7  U   A C5    1 
ATOM   148 C C6    . U   A 1 7  ? -8.295  4.358   -1.668  1.00 29.32 ? 7  U   A C6    1 
ATOM   149 P P     . A   A 1 8  ? -11.788 2.910   2.932   1.00 20.82 ? 8  A   A P     1 
ATOM   150 O OP1   . A   A 1 8  ? -12.997 2.216   3.418   1.00 20.77 ? 8  A   A OP1   1 
ATOM   151 O OP2   . A   A 1 8  ? -11.124 3.907   3.800   1.00 20.99 ? 8  A   A OP2   1 
ATOM   152 O "O5'" . A   A 1 8  ? -10.714 1.807   2.546   1.00 20.78 ? 8  A   A "O5'" 1 
ATOM   153 C "C5'" . A   A 1 8  ? -10.312 0.819   3.520   1.00 19.03 ? 8  A   A "C5'" 1 
ATOM   154 C "C4'" . A   A 1 8  ? -8.801  0.562   3.477   1.00 16.53 ? 8  A   A "C4'" 1 
ATOM   155 O "O4'" . A   A 1 8  ? -8.435  -0.148  2.262   1.00 14.87 ? 8  A   A "O4'" 1 
ATOM   156 C "C3'" . A   A 1 8  ? -7.920  1.803   3.517   1.00 15.15 ? 8  A   A "C3'" 1 
ATOM   157 O "O3'" . A   A 1 8  ? -6.790  1.549   4.311   1.00 17.52 ? 8  A   A "O3'" 1 
ATOM   158 C "C2'" . A   A 1 8  ? -7.525  1.942   2.062   1.00 14.15 ? 8  A   A "C2'" 1 
ATOM   159 O "O2'" . A   A 1 8  ? -6.322  2.652   1.896   1.00 14.10 ? 8  A   A "O2'" 1 
ATOM   160 C "C1'" . A   A 1 8  ? -7.342  0.486   1.689   1.00 14.08 ? 8  A   A "C1'" 1 
ATOM   161 N N9    . A   A 1 8  ? -7.389  0.262   0.266   1.00 15.09 ? 8  A   A N9    1 
ATOM   162 C C8    . A   A 1 8  ? -8.397  0.597   -0.572  1.00 15.72 ? 8  A   A C8    1 
ATOM   163 N N7    . A   A 1 8  ? -8.162  0.295   -1.824  1.00 16.80 ? 8  A   A N7    1 
ATOM   164 C C5    . A   A 1 8  ? -6.915  -0.283  -1.806  1.00 15.84 ? 8  A   A C5    1 
ATOM   165 C C6    . A   A 1 8  ? -6.102  -0.819  -2.822  1.00 16.35 ? 8  A   A C6    1 
ATOM   166 N N6    . A   A 1 8  ? -6.454  -0.855  -4.110  1.00 15.72 ? 8  A   A N6    1 
ATOM   167 N N1    . A   A 1 8  ? -4.907  -1.313  -2.469  1.00 16.71 ? 8  A   A N1    1 
ATOM   168 C C2    . A   A 1 8  ? -4.554  -1.274  -1.181  1.00 17.38 ? 8  A   A C2    1 
ATOM   169 N N3    . A   A 1 8  ? -5.233  -0.801  -0.135  1.00 17.56 ? 8  A   A N3    1 
ATOM   170 C C4    . A   A 1 8  ? -6.420  -0.312  -0.523  1.00 16.22 ? 8  A   A C4    1 
ATOM   171 P P     . G   A 1 9  ? -6.843  1.605   5.921   1.00 19.72 ? 9  G   A P     1 
ATOM   172 O OP1   . G   A 1 9  ? -7.987  0.801   6.417   1.00 18.24 ? 9  G   A OP1   1 
ATOM   173 O OP2   . G   A 1 9  ? -6.687  3.017   6.328   1.00 19.32 ? 9  G   A OP2   1 
ATOM   174 O "O5'" . G   A 1 9  ? -5.522  0.808   6.315   1.00 20.67 ? 9  G   A "O5'" 1 
ATOM   175 C "C5'" . G   A 1 9  ? -4.245  1.432   6.272   1.00 19.98 ? 9  G   A "C5'" 1 
ATOM   176 C "C4'" . G   A 1 9  ? -3.394  0.839   7.376   1.00 18.68 ? 9  G   A "C4'" 1 
ATOM   177 O "O4'" . G   A 1 9  ? -3.113  -0.538  7.052   1.00 17.56 ? 9  G   A "O4'" 1 
ATOM   178 C "C3'" . G   A 1 9  ? -2.037  1.481   7.582   1.00 18.34 ? 9  G   A "C3'" 1 
ATOM   179 O "O3'" . G   A 1 9  ? -2.161  2.549   8.492   1.00 17.60 ? 9  G   A "O3'" 1 
ATOM   180 C "C2'" . G   A 1 9  ? -1.290  0.337   8.226   1.00 17.79 ? 9  G   A "C2'" 1 
ATOM   181 O "O2'" . G   A 1 9  ? -1.712  0.166   9.561   1.00 19.64 ? 9  G   A "O2'" 1 
ATOM   182 C "C1'" . G   A 1 9  ? -1.788  -0.842  7.420   1.00 16.23 ? 9  G   A "C1'" 1 
ATOM   183 N N9    . G   A 1 9  ? -1.026  -1.191  6.216   1.00 14.16 ? 9  G   A N9    1 
ATOM   184 C C8    . G   A 1 9  ? -1.495  -1.220  4.931   1.00 14.59 ? 9  G   A C8    1 
ATOM   185 N N7    . G   A 1 9  ? -0.609  -1.625  4.055   1.00 12.83 ? 9  G   A N7    1 
ATOM   186 C C5    . G   A 1 9  ? 0.497   -1.918  4.812   1.00 11.61 ? 9  G   A C5    1 
ATOM   187 C C6    . G   A 1 9  ? 1.748   -2.394  4.414   1.00 11.21 ? 9  G   A C6    1 
ATOM   188 O O6    . G   A 1 9  ? 2.144   -2.660  3.269   1.00 10.50 ? 9  G   A O6    1 
ATOM   189 N N1    . G   A 1 9  ? 2.611   -2.539  5.477   1.00 11.84 ? 9  G   A N1    1 
ATOM   190 C C2    . G   A 1 9  ? 2.298   -2.276  6.782   1.00 14.31 ? 9  G   A C2    1 
ATOM   191 N N2    . G   A 1 9  ? 3.268   -2.492  7.688   1.00 15.37 ? 9  G   A N2    1 
ATOM   192 N N3    . G   A 1 9  ? 1.114   -1.832  7.180   1.00 14.60 ? 9  G   A N3    1 
ATOM   193 C C4    . G   A 1 9  ? 0.265   -1.666  6.142   1.00 13.51 ? 9  G   A C4    1 
ATOM   194 P P     . G   A 1 10 ? -1.272  3.861   8.327   1.00 18.12 ? 10 G   A P     1 
ATOM   195 O OP1   . G   A 1 10 ? -1.843  4.900   9.213   1.00 16.20 ? 10 G   A OP1   1 
ATOM   196 O OP2   . G   A 1 10 ? -1.100  4.106   6.883   1.00 17.24 ? 10 G   A OP2   1 
ATOM   197 O "O5'" . G   A 1 10 ? 0.137   3.425   8.907   1.00 19.36 ? 10 G   A "O5'" 1 
ATOM   198 C "C5'" . G   A 1 10 ? 0.276   3.142   10.298  1.00 21.23 ? 10 G   A "C5'" 1 
ATOM   199 C "C4'" . G   A 1 10 ? 1.666   2.617   10.602  1.00 21.02 ? 10 G   A "C4'" 1 
ATOM   200 O "O4'" . G   A 1 10 ? 1.877   1.386   9.896   1.00 21.18 ? 10 G   A "O4'" 1 
ATOM   201 C "C3'" . G   A 1 10 ? 2.788   3.493   10.118  1.00 21.05 ? 10 G   A "C3'" 1 
ATOM   202 O "O3'" . G   A 1 10 ? 3.013   4.480   11.066  1.00 20.16 ? 10 G   A "O3'" 1 
ATOM   203 C "C2'" . G   A 1 10 ? 3.939   2.502   10.047  1.00 21.96 ? 10 G   A "C2'" 1 
ATOM   204 O "O2'" . G   A 1 10 ? 4.470   2.209   11.332  1.00 23.78 ? 10 G   A "O2'" 1 
ATOM   205 C "C1'" . G   A 1 10 ? 3.232   1.276   9.511   1.00 20.87 ? 10 G   A "C1'" 1 
ATOM   206 N N9    . G   A 1 10 ? 3.276   1.093   8.070   1.00 20.29 ? 10 G   A N9    1 
ATOM   207 C C8    . G   A 1 10 ? 2.271   1.369   7.178   1.00 20.50 ? 10 G   A C8    1 
ATOM   208 N N7    . G   A 1 10 ? 2.569   1.052   5.947   1.00 20.73 ? 10 G   A N7    1 
ATOM   209 C C5    . G   A 1 10 ? 3.845   0.522   6.038   1.00 20.41 ? 10 G   A C5    1 
ATOM   210 C C6    . G   A 1 10 ? 4.687   0.024   5.031   1.00 21.70 ? 10 G   A C6    1 
ATOM   211 O O6    . G   A 1 10 ? 4.461   -0.068  3.806   1.00 22.53 ? 10 G   A O6    1 
ATOM   212 N N1    . G   A 1 10 ? 5.907   -0.406  5.531   1.00 21.70 ? 10 G   A N1    1 
ATOM   213 C C2    . G   A 1 10 ? 6.263   -0.363  6.849   1.00 21.66 ? 10 G   A C2    1 
ATOM   214 N N2    . G   A 1 10 ? 7.479   -0.829  7.146   1.00 21.54 ? 10 G   A N2    1 
ATOM   215 N N3    . G   A 1 10 ? 5.483   0.105   7.813   1.00 21.59 ? 10 G   A N3    1 
ATOM   216 C C4    . G   A 1 10 ? 4.292   0.531   7.333   1.00 20.45 ? 10 G   A C4    1 
ATOM   217 P P     . G   A 1 11 ? 3.652   5.860   10.627  1.00 19.82 ? 11 G   A P     1 
ATOM   218 O OP1   . G   A 1 11 ? 3.453   6.791   11.765  1.00 19.93 ? 11 G   A OP1   1 
ATOM   219 O OP2   . G   A 1 11 ? 3.169   6.231   9.275   1.00 18.89 ? 11 G   A OP2   1 
ATOM   220 O "O5'" . G   A 1 11 ? 5.192   5.472   10.460  1.00 20.00 ? 11 G   A "O5'" 1 
ATOM   221 C "C5'" . G   A 1 11 ? 5.984   5.055   11.559  1.00 20.56 ? 11 G   A "C5'" 1 
ATOM   222 C "C4'" . G   A 1 11 ? 7.370   4.705   11.060  1.00 21.60 ? 11 G   A "C4'" 1 
ATOM   223 O "O4'" . G   A 1 11 ? 7.323   3.437   10.350  1.00 21.19 ? 11 G   A "O4'" 1 
ATOM   224 C "C3'" . G   A 1 11 ? 7.936   5.669   10.027  1.00 22.63 ? 11 G   A "C3'" 1 
ATOM   225 O "O3'" . G   A 1 11 ? 8.491   6.839   10.637  1.00 24.04 ? 11 G   A "O3'" 1 
ATOM   226 C "C2'" . G   A 1 11 ? 8.987   4.792   9.353   1.00 22.40 ? 11 G   A "C2'" 1 
ATOM   227 O "O2'" . G   A 1 11 ? 10.176  4.657   10.112  1.00 22.86 ? 11 G   A "O2'" 1 
ATOM   228 C "C1'" . G   A 1 11 ? 8.243   3.461   9.267   1.00 21.22 ? 11 G   A "C1'" 1 
ATOM   229 N N9    . G   A 1 11 ? 7.511   3.317   8.012   1.00 20.52 ? 11 G   A N9    1 
ATOM   230 C C8    . G   A 1 11 ? 6.245   3.761   7.736   1.00 20.30 ? 11 G   A C8    1 
ATOM   231 N N7    . G   A 1 11 ? 5.859   3.504   6.514   1.00 19.99 ? 11 G   A N7    1 
ATOM   232 C C5    . G   A 1 11 ? 6.934   2.857   5.941   1.00 19.36 ? 11 G   A C5    1 
ATOM   233 C C6    . G   A 1 11 ? 7.099   2.349   4.631   1.00 19.73 ? 11 G   A C6    1 
ATOM   234 O O6    . G   A 1 11 ? 6.283   2.356   3.686   1.00 20.02 ? 11 G   A O6    1 
ATOM   235 N N1    . G   A 1 11 ? 8.352   1.766   4.451   1.00 18.79 ? 11 G   A N1    1 
ATOM   236 C C2    . G   A 1 11 ? 9.327   1.692   5.421   1.00 18.93 ? 11 G   A C2    1 
ATOM   237 N N2    . G   A 1 11 ? 10.477  1.097   5.069   1.00 17.21 ? 11 G   A N2    1 
ATOM   238 N N3    . G   A 1 11 ? 9.182   2.169   6.658   1.00 19.57 ? 11 G   A N3    1 
ATOM   239 C C4    . G   A 1 11 ? 7.964   2.735   6.846   1.00 19.81 ? 11 G   A C4    1 
ATOM   240 P P     . U   A 1 12 ? 8.650   8.194   9.788   1.00 25.89 ? 12 U   A P     1 
ATOM   241 O OP1   . U   A 1 12 ? 8.683   9.318   10.739  1.00 26.23 ? 12 U   A OP1   1 
ATOM   242 O OP2   . U   A 1 12 ? 7.643   8.211   8.705   1.00 26.14 ? 12 U   A OP2   1 
ATOM   243 O "O5'" . U   A 1 12 ? 10.105  8.006   9.139   1.00 27.89 ? 12 U   A "O5'" 1 
ATOM   244 C "C5'" . U   A 1 12 ? 10.361  8.364   7.773   1.00 31.69 ? 12 U   A "C5'" 1 
ATOM   245 C "C4'" . U   A 1 12 ? 11.202  7.294   7.077   1.00 34.30 ? 12 U   A "C4'" 1 
ATOM   246 O "O4'" . U   A 1 12 ? 10.444  6.048   7.007   1.00 35.70 ? 12 U   A "O4'" 1 
ATOM   247 C "C3'" . U   A 1 12 ? 11.614  7.613   5.636   1.00 35.27 ? 12 U   A "C3'" 1 
ATOM   248 O "O3'" . U   A 1 12 ? 12.926  8.188   5.606   1.00 35.06 ? 12 U   A "O3'" 1 
ATOM   249 C "C2'" . U   A 1 12 ? 11.566  6.239   4.938   1.00 35.82 ? 12 U   A "C2'" 1 
ATOM   250 O "O2'" . U   A 1 12 ? 12.761  5.491   5.082   1.00 36.78 ? 12 U   A "O2'" 1 
ATOM   251 C "C1'" . U   A 1 12 ? 10.425  5.540   5.675   1.00 34.95 ? 12 U   A "C1'" 1 
ATOM   252 N N1    . U   A 1 12 ? 9.049   5.762   5.054   1.00 33.61 ? 12 U   A N1    1 
ATOM   253 C C2    . U   A 1 12 ? 8.791   5.278   3.781   1.00 33.15 ? 12 U   A C2    1 
ATOM   254 O O2    . U   A 1 12 ? 9.620   4.676   3.105   1.00 32.89 ? 12 U   A O2    1 
ATOM   255 N N3    . U   A 1 12 ? 7.520   5.540   3.320   1.00 32.24 ? 12 U   A N3    1 
ATOM   256 C C4    . U   A 1 12 ? 6.511   6.222   3.990   1.00 32.37 ? 12 U   A C4    1 
ATOM   257 O O4    . U   A 1 12 ? 5.426   6.387   3.450   1.00 33.27 ? 12 U   A O4    1 
ATOM   258 C C5    . U   A 1 12 ? 6.852   6.688   5.305   1.00 31.83 ? 12 U   A C5    1 
ATOM   259 C C6    . U   A 1 12 ? 8.074   6.445   5.774   1.00 32.83 ? 12 U   A C6    1 
HETATM 260 K K     . K   B 2 .  ? 5.913   0.532   1.577   0.50 46.56 ? 21 K   A K     1 
HETATM 261 K K     . K   C 2 .  ? 4.509   -2.525  2.117   0.50 40.69 ? 22 K   A K     1 
HETATM 262 C CAA   . R14 D 3 .  ? 12.884  -12.811 -5.116  1.00 57.77 ? 30 R14 A CAA   1 
HETATM 263 C CAB   . R14 D 3 .  ? 10.326  -13.952 -8.633  1.00 55.11 ? 30 R14 A CAB   1 
HETATM 264 C CAC   . R14 D 3 .  ? -18.609 -3.031  -2.004  1.00 72.78 ? 30 R14 A CAC   1 
HETATM 265 C CAD   . R14 D 3 .  ? -18.335 -3.639  -6.134  1.00 72.59 ? 30 R14 A CAD   1 
HETATM 266 O OAE   . R14 D 3 .  ? 7.862   -10.007 -6.465  1.00 48.85 ? 30 R14 A OAE   1 
HETATM 267 O OAF   . R14 D 3 .  ? -13.624 -3.891  -5.302  1.00 67.59 ? 30 R14 A OAF   1 
HETATM 268 C CAG   . R14 D 3 .  ? 4.282   -8.799  -5.661  1.00 38.34 ? 30 R14 A CAG   1 
HETATM 269 C CAH   . R14 D 3 .  ? -9.608  -3.699  -5.478  1.00 58.91 ? 30 R14 A CAH   1 
HETATM 270 C CAI   . R14 D 3 .  ? 5.485   -9.504  -5.613  1.00 39.35 ? 30 R14 A CAI   1 
HETATM 271 C CAJ   . R14 D 3 .  ? -10.956 -3.554  -5.112  1.00 60.11 ? 30 R14 A CAJ   1 
HETATM 272 C CAK   . R14 D 3 .  ? 3.686   -8.365  -4.480  1.00 36.97 ? 30 R14 A CAK   1 
HETATM 273 C CAL   . R14 D 3 .  ? -8.610  -3.738  -4.491  1.00 57.68 ? 30 R14 A CAL   1 
HETATM 274 C CAM   . R14 D 3 .  ? 1.528   -6.534  1.346   1.00 27.48 ? 30 R14 A CAM   1 
HETATM 275 C CAN   . R14 D 3 .  ? -5.147  -3.912  1.156   1.00 40.18 ? 30 R14 A CAN   1 
HETATM 276 C CAO   . R14 D 3 .  ? 0.468   -5.936  2.009   1.00 28.98 ? 30 R14 A CAO   1 
HETATM 277 C CAP   . R14 D 3 .  ? -3.998  -4.189  1.871   1.00 38.04 ? 30 R14 A CAP   1 
HETATM 278 C CAQ   . R14 D 3 .  ? 5.496   -9.332  -3.211  1.00 38.50 ? 30 R14 A CAQ   1 
HETATM 279 C CAR   . R14 D 3 .  ? -10.308 -3.493  -2.795  1.00 59.04 ? 30 R14 A CAR   1 
HETATM 280 C CAS   . R14 D 3 .  ? 0.253   -6.540  -0.693  1.00 30.31 ? 30 R14 A CAS   1 
HETATM 281 C CAT   . R14 D 3 .  ? -4.156  -4.821  -0.837  1.00 39.18 ? 30 R14 A CAT   1 
HETATM 282 C CAU   . R14 D 3 .  ? -1.767  -5.057  1.969   1.00 33.42 ? 30 R14 A CAU   1 
HETATM 283 C CAV   . R14 D 3 .  ? 2.562   -7.590  -1.947  1.00 29.89 ? 30 R14 A CAV   1 
HETATM 284 C CAW   . R14 D 3 .  ? -6.810  -4.208  -2.061  1.00 51.37 ? 30 R14 A CAW   1 
HETATM 285 C CAX   . R14 D 3 .  ? 11.414  -13.228 -5.350  1.00 57.62 ? 30 R14 A CAX   1 
HETATM 286 C CAY   . R14 D 3 .  ? 9.883   -13.539 -7.228  1.00 55.66 ? 30 R14 A CAY   1 
HETATM 287 C CAZ   . R14 D 3 .  ? -18.160 -4.346  -2.664  1.00 72.68 ? 30 R14 A CAZ   1 
HETATM 288 C CBA   . R14 D 3 .  ? -18.023 -4.693  -5.060  1.00 72.91 ? 30 R14 A CBA   1 
HETATM 289 C CBB   . R14 D 3 .  ? 9.364   -11.331 -5.128  1.00 50.30 ? 30 R14 A CBB   1 
HETATM 290 C CBC   . R14 D 3 .  ? -15.024 -3.418  -3.385  1.00 68.54 ? 30 R14 A CBC   1 
HETATM 291 C CBD   . R14 D 3 .  ? 10.288  -11.301 -6.367  1.00 53.45 ? 30 R14 A CBD   1 
HETATM 292 C CBE   . R14 D 3 .  ? -15.993 -4.570  -3.736  1.00 70.96 ? 30 R14 A CBE   1 
HETATM 293 N NBF   . R14 D 3 .  ? 4.180   -8.395  -0.859  1.00 31.59 ? 30 R14 A NBF   1 
HETATM 294 N NBG   . R14 D 3 .  ? -8.228  -3.100  -0.929  1.00 53.86 ? 30 R14 A NBG   1 
HETATM 295 N NBH   . R14 D 3 .  ? 3.384   -7.899  -0.048  1.00 30.26 ? 30 R14 A NBH   1 
HETATM 296 N NBI   . R14 D 3 .  ? -7.242  -3.284  -0.216  1.00 52.14 ? 30 R14 A NBI   1 
HETATM 297 N NBJ   . R14 D 3 .  ? -1.940  -5.673  -0.717  1.00 33.51 ? 30 R14 A NBJ   1 
HETATM 298 N NBK   . R14 D 3 .  ? 7.252   -10.456 -4.331  1.00 45.16 ? 30 R14 A NBK   1 
HETATM 299 N NBL   . R14 D 3 .  ? -12.592 -3.322  -3.340  1.00 64.33 ? 30 R14 A NBL   1 
HETATM 300 C CBM   . R14 D 3 .  ? 8.083   -10.525 -5.372  1.00 48.30 ? 30 R14 A CBM   1 
HETATM 301 C CBN   . R14 D 3 .  ? -13.669 -3.577  -4.108  1.00 66.97 ? 30 R14 A CBN   1 
HETATM 302 C CBO   . R14 D 3 .  ? 6.095   -9.773  -4.391  1.00 41.12 ? 30 R14 A CBO   1 
HETATM 303 C CBP   . R14 D 3 .  ? -11.308 -3.451  -3.758  1.00 61.16 ? 30 R14 A CBP   1 
HETATM 304 C CBQ   . R14 D 3 .  ? 4.299   -8.628  -3.256  1.00 35.28 ? 30 R14 A CBQ   1 
HETATM 305 C CBR   . R14 D 3 .  ? -8.966  -3.642  -3.145  1.00 56.51 ? 30 R14 A CBR   1 
HETATM 306 C CBS   . R14 D 3 .  ? 1.421   -6.828  -0.006  1.00 28.59 ? 30 R14 A CBS   1 
HETATM 307 C CBT   . R14 D 3 .  ? -5.235  -4.223  -0.194  1.00 42.73 ? 30 R14 A CBT   1 
HETATM 308 C CBU   . R14 D 3 .  ? 3.707   -8.213  -2.080  1.00 32.27 ? 30 R14 A CBU   1 
HETATM 309 C CBV   . R14 D 3 .  ? -8.025  -3.657  -2.111  1.00 54.10 ? 30 R14 A CBV   1 
HETATM 310 C CBW   . R14 D 3 .  ? -0.701  -5.647  1.319   1.00 31.43 ? 30 R14 A CBW   1 
HETATM 311 C CBX   . R14 D 3 .  ? -2.917  -4.777  1.242   1.00 35.68 ? 30 R14 A CBX   1 
HETATM 312 C CBY   . R14 D 3 .  ? -0.810  -5.949  -0.036  1.00 31.94 ? 30 R14 A CBY   1 
HETATM 313 C CBZ   . R14 D 3 .  ? -2.988  -5.095  -0.111  1.00 35.67 ? 30 R14 A CBZ   1 
HETATM 314 N NCA   . R14 D 3 .  ? 10.890  -12.634 -6.618  1.00 55.86 ? 30 R14 A NCA   1 
HETATM 315 N NCB   . R14 D 3 .  ? -17.376 -4.051  -3.889  1.00 72.68 ? 30 R14 A NCB   1 
HETATM 316 N NCC   . R14 D 3 .  ? 2.423   -7.406  -0.646  1.00 28.98 ? 30 R14 A NCC   1 
HETATM 317 N NCD   . R14 D 3 .  ? -6.376  -3.926  -0.823  1.00 48.54 ? 30 R14 A NCD   1 
HETATM 318 O O     . HOH E 4 .  ? 2.716   -0.002  -6.212  1.00 14.77 ? 41 HOH A O     1 
HETATM 319 O O     . HOH E 4 .  ? -3.763  1.738   11.046  1.00 34.60 ? 42 HOH A O     1 
HETATM 320 O O     . HOH E 4 .  ? 3.419   -5.209  -6.041  1.00 12.31 ? 43 HOH A O     1 
HETATM 321 O O     . HOH E 4 .  ? -4.137  -0.865  2.733   1.00 28.46 ? 44 HOH A O     1 
HETATM 322 O O     . HOH E 4 .  ? 8.781   -10.847 -1.821  1.00 40.93 ? 45 HOH A O     1 
HETATM 323 O O     . HOH E 4 .  ? 0.222   8.128   5.647   1.00 13.48 ? 46 HOH A O     1 
HETATM 324 O O     . HOH E 4 .  ? 0.562   2.484   -9.802  1.00 39.00 ? 47 HOH A O     1 
HETATM 325 O O     . HOH E 4 .  ? 9.147   -13.475 -2.938  1.00 39.36 ? 48 HOH A O     1 
HETATM 326 O O     . HOH E 4 .  ? 1.320   -6.626  -6.986  1.00 43.72 ? 49 HOH A O     1 
HETATM 327 O O     . HOH E 4 .  ? -3.227  1.418   1.934   1.00 23.95 ? 50 HOH A O     1 
HETATM 328 O O     . HOH E 4 .  ? 1.480   7.248   -2.166  1.00 12.93 ? 51 HOH A O     1 
HETATM 329 O O     . HOH E 4 .  ? 4.026   8.010   1.320   1.00 51.43 ? 52 HOH A O     1 
HETATM 330 O O     . HOH E 4 .  ? 12.051  3.707   8.327   1.00 17.26 ? 53 HOH A O     1 
HETATM 331 O O     . HOH E 4 .  ? 6.198   -9.863  0.867   0.50 19.58 ? 54 HOH A O     1 
HETATM 332 O O     . HOH E 4 .  ? 3.623   -12.886 -15.195 1.00 4.43  ? 55 HOH A O     1 
HETATM 333 O O     . HOH E 4 .  ? -1.072  -9.916  -3.455  1.00 43.14 ? 56 HOH A O     1 
# 
loop_
_pdbx_poly_seq_scheme.asym_id 
_pdbx_poly_seq_scheme.entity_id 
_pdbx_poly_seq_scheme.seq_id 
_pdbx_poly_seq_scheme.mon_id 
_pdbx_poly_seq_scheme.ndb_seq_num 
_pdbx_poly_seq_scheme.pdb_seq_num 
_pdbx_poly_seq_scheme.auth_seq_num 
_pdbx_poly_seq_scheme.pdb_mon_id 
_pdbx_poly_seq_scheme.auth_mon_id 
_pdbx_poly_seq_scheme.pdb_strand_id 
_pdbx_poly_seq_scheme.pdb_ins_code 
_pdbx_poly_seq_scheme.hetero 
A 1 1  U 1  1  1  U U A . n 
A 1 2  A 2  2  2  A A A . n 
A 1 3  G 3  3  3  G G A . n 
A 1 4  G 4  4  4  G G A . n 
A 1 5  G 5  5  5  G G A . n 
A 1 6  U 6  6  6  U U A . n 
A 1 7  U 7  7  7  U U A . n 
A 1 8  A 8  8  8  A A A . n 
A 1 9  G 9  9  9  G G A . n 
A 1 10 G 10 10 10 G G A . n 
A 1 11 G 11 11 11 G G A . n 
A 1 12 U 12 12 12 U U A . n 
# 
loop_
_pdbx_nonpoly_scheme.asym_id 
_pdbx_nonpoly_scheme.entity_id 
_pdbx_nonpoly_scheme.mon_id 
_pdbx_nonpoly_scheme.ndb_seq_num 
_pdbx_nonpoly_scheme.pdb_seq_num 
_pdbx_nonpoly_scheme.auth_seq_num 
_pdbx_nonpoly_scheme.pdb_mon_id 
_pdbx_nonpoly_scheme.auth_mon_id 
_pdbx_nonpoly_scheme.pdb_strand_id 
_pdbx_nonpoly_scheme.pdb_ins_code 
B 2 K   1  21 21 K   K   A . 
C 2 K   1  22 22 K   K   A . 
D 3 R14 1  30 30 R14 R14 A . 
E 4 HOH 1  41 41 HOH HOH A . 
E 4 HOH 2  42 42 HOH HOH A . 
E 4 HOH 3  43 43 HOH HOH A . 
E 4 HOH 4  44 44 HOH HOH A . 
E 4 HOH 5  45 45 HOH HOH A . 
E 4 HOH 6  46 46 HOH HOH A . 
E 4 HOH 7  47 47 HOH HOH A . 
E 4 HOH 8  48 48 HOH HOH A . 
E 4 HOH 9  49 49 HOH HOH A . 
E 4 HOH 10 50 50 HOH HOH A . 
E 4 HOH 11 51 51 HOH HOH A . 
E 4 HOH 12 52 52 HOH HOH A . 
E 4 HOH 13 53 53 HOH HOH A . 
E 4 HOH 14 54 54 HOH HOH A . 
E 4 HOH 15 55 55 HOH HOH A . 
E 4 HOH 16 56 56 HOH HOH A . 
# 
_pdbx_struct_assembly.id                   1 
_pdbx_struct_assembly.details              author_and_software_defined_assembly 
_pdbx_struct_assembly.method_details       PISA 
_pdbx_struct_assembly.oligomeric_details   dimeric 
_pdbx_struct_assembly.oligomeric_count     2 
# 
_pdbx_struct_assembly_gen.assembly_id       1 
_pdbx_struct_assembly_gen.oper_expression   1,2 
_pdbx_struct_assembly_gen.asym_id_list      A,B,C,D,E 
# 
loop_
_pdbx_struct_assembly_prop.biol_id 
_pdbx_struct_assembly_prop.type 
_pdbx_struct_assembly_prop.value 
_pdbx_struct_assembly_prop.details 
1 'ABSA (A^2)' 2230 ? 
1 MORE         -17  ? 
1 'SSA (A^2)'  4880 ? 
# 
loop_
_pdbx_struct_oper_list.id 
_pdbx_struct_oper_list.type 
_pdbx_struct_oper_list.name 
_pdbx_struct_oper_list.symmetry_operation 
_pdbx_struct_oper_list.matrix[1][1] 
_pdbx_struct_oper_list.matrix[1][2] 
_pdbx_struct_oper_list.matrix[1][3] 
_pdbx_struct_oper_list.vector[1] 
_pdbx_struct_oper_list.matrix[2][1] 
_pdbx_struct_oper_list.matrix[2][2] 
_pdbx_struct_oper_list.matrix[2][3] 
_pdbx_struct_oper_list.vector[2] 
_pdbx_struct_oper_list.matrix[3][1] 
_pdbx_struct_oper_list.matrix[3][2] 
_pdbx_struct_oper_list.matrix[3][3] 
_pdbx_struct_oper_list.vector[3] 
1 'identity operation'         1_555 x,y,z     1.0000000000  0.0000000000 0.0000000000  0.0000000000 0.0000000000 1.0000000000 0.0000000000  0.0000000000  0.0000000000  0.0000000000  1.0000000000  0.0000000000 
2 'crystal symmetry operation' 4_545 x,-y-1,-z -0.6603061662 0.7395580748 -0.1305741964 9.6302259398 0.7395580748 0.6101150262 -0.2842771688 -3.7174856660 -0.1305741964 -0.2842771688 -0.9498088600 3.9979708201 
# 
loop_
_pdbx_struct_special_symmetry.id 
_pdbx_struct_special_symmetry.PDB_model_num 
_pdbx_struct_special_symmetry.auth_asym_id 
_pdbx_struct_special_symmetry.auth_comp_id 
_pdbx_struct_special_symmetry.auth_seq_id 
_pdbx_struct_special_symmetry.PDB_ins_code 
_pdbx_struct_special_symmetry.label_asym_id 
_pdbx_struct_special_symmetry.label_comp_id 
_pdbx_struct_special_symmetry.label_seq_id 
1 1 A K 21 ? B K . 
2 1 A K 22 ? C K . 
# 
loop_
_pdbx_struct_conn_angle.id 
_pdbx_struct_conn_angle.ptnr1_label_atom_id 
_pdbx_struct_conn_angle.ptnr1_label_alt_id 
_pdbx_struct_conn_angle.ptnr1_label_asym_id 
_pdbx_struct_conn_angle.ptnr1_label_comp_id 
_pdbx_struct_conn_angle.ptnr1_label_seq_id 
_pdbx_struct_conn_angle.ptnr1_auth_atom_id 
_pdbx_struct_conn_angle.ptnr1_auth_asym_id 
_pdbx_struct_conn_angle.ptnr1_auth_comp_id 
_pdbx_struct_conn_angle.ptnr1_auth_seq_id 
_pdbx_struct_conn_angle.ptnr1_PDB_ins_code 
_pdbx_struct_conn_angle.ptnr1_symmetry 
_pdbx_struct_conn_angle.ptnr2_label_atom_id 
_pdbx_struct_conn_angle.ptnr2_label_alt_id 
_pdbx_struct_conn_angle.ptnr2_label_asym_id 
_pdbx_struct_conn_angle.ptnr2_label_comp_id 
_pdbx_struct_conn_angle.ptnr2_label_seq_id 
_pdbx_struct_conn_angle.ptnr2_auth_atom_id 
_pdbx_struct_conn_angle.ptnr2_auth_asym_id 
_pdbx_struct_conn_angle.ptnr2_auth_comp_id 
_pdbx_struct_conn_angle.ptnr2_auth_seq_id 
_pdbx_struct_conn_angle.ptnr2_PDB_ins_code 
_pdbx_struct_conn_angle.ptnr2_symmetry 
_pdbx_struct_conn_angle.ptnr3_label_atom_id 
_pdbx_struct_conn_angle.ptnr3_label_alt_id 
_pdbx_struct_conn_angle.ptnr3_label_asym_id 
_pdbx_struct_conn_angle.ptnr3_label_comp_id 
_pdbx_struct_conn_angle.ptnr3_label_seq_id 
_pdbx_struct_conn_angle.ptnr3_auth_atom_id 
_pdbx_struct_conn_angle.ptnr3_auth_asym_id 
_pdbx_struct_conn_angle.ptnr3_auth_comp_id 
_pdbx_struct_conn_angle.ptnr3_auth_seq_id 
_pdbx_struct_conn_angle.ptnr3_PDB_ins_code 
_pdbx_struct_conn_angle.ptnr3_symmetry 
_pdbx_struct_conn_angle.value 
_pdbx_struct_conn_angle.value_esd 
1  O6 ? A G 3  ? A G 3  ? 1_555 K ? C K . ? A K 22 ? 1_555 O6 ? A G 4  ? A G 4  ? 1_555 73.8  ? 
2  O6 ? A G 3  ? A G 3  ? 1_555 K ? C K . ? A K 22 ? 1_555 O6 ? A G 9  ? A G 9  ? 1_555 81.0  ? 
3  O6 ? A G 4  ? A G 4  ? 1_555 K ? C K . ? A K 22 ? 1_555 O6 ? A G 9  ? A G 9  ? 1_555 87.3  ? 
4  O6 ? A G 3  ? A G 3  ? 1_555 K ? C K . ? A K 22 ? 1_555 O6 ? A G 10 ? A G 10 ? 1_555 135.5 ? 
5  O6 ? A G 4  ? A G 4  ? 1_555 K ? C K . ? A K 22 ? 1_555 O6 ? A G 10 ? A G 10 ? 1_555 66.9  ? 
6  O6 ? A G 9  ? A G 9  ? 1_555 K ? C K . ? A K 22 ? 1_555 O6 ? A G 10 ? A G 10 ? 1_555 77.3  ? 
7  O6 ? A G 4  ? A G 4  ? 1_555 K ? B K . ? A K 21 ? 1_555 O6 ? A G 5  ? A G 5  ? 1_555 63.3  ? 
8  O6 ? A G 4  ? A G 4  ? 1_555 K ? B K . ? A K 21 ? 1_555 O6 ? A G 10 ? A G 10 ? 1_555 78.8  ? 
9  O6 ? A G 5  ? A G 5  ? 1_555 K ? B K . ? A K 21 ? 1_555 O6 ? A G 10 ? A G 10 ? 1_555 97.9  ? 
10 O6 ? A G 4  ? A G 4  ? 1_555 K ? B K . ? A K 21 ? 1_555 O6 ? A G 11 ? A G 11 ? 1_555 120.0 ? 
11 O6 ? A G 5  ? A G 5  ? 1_555 K ? B K . ? A K 21 ? 1_555 O6 ? A G 11 ? A G 11 ? 1_555 74.6  ? 
12 O6 ? A G 10 ? A G 10 ? 1_555 K ? B K . ? A K 21 ? 1_555 O6 ? A G 11 ? A G 11 ? 1_555 66.4  ? 
# 
loop_
_pdbx_audit_revision_history.ordinal 
_pdbx_audit_revision_history.data_content_type 
_pdbx_audit_revision_history.major_revision 
_pdbx_audit_revision_history.minor_revision 
_pdbx_audit_revision_history.revision_date 
1 'Structure model' 1 0 2011-02-16 
2 'Structure model' 1 1 2011-07-13 
3 'Structure model' 1 2 2023-09-06 
# 
_pdbx_audit_revision_details.ordinal             1 
_pdbx_audit_revision_details.revision_ordinal    1 
_pdbx_audit_revision_details.data_content_type   'Structure model' 
_pdbx_audit_revision_details.provider            repository 
_pdbx_audit_revision_details.type                'Initial release' 
_pdbx_audit_revision_details.description         ? 
_pdbx_audit_revision_details.details             ? 
# 
loop_
_pdbx_audit_revision_group.ordinal 
_pdbx_audit_revision_group.revision_ordinal 
_pdbx_audit_revision_group.data_content_type 
_pdbx_audit_revision_group.group 
1 2 'Structure model' 'Version format compliance' 
2 3 'Structure model' 'Data collection'           
3 3 'Structure model' 'Database references'       
4 3 'Structure model' 'Derived calculations'      
5 3 'Structure model' 'Refinement description'    
# 
loop_
_pdbx_audit_revision_category.ordinal 
_pdbx_audit_revision_category.revision_ordinal 
_pdbx_audit_revision_category.data_content_type 
_pdbx_audit_revision_category.category 
1 3 'Structure model' chem_comp_atom                
2 3 'Structure model' chem_comp_bond                
3 3 'Structure model' database_2                    
4 3 'Structure model' pdbx_initial_refinement_model 
5 3 'Structure model' pdbx_struct_conn_angle        
6 3 'Structure model' struct_conn                   
7 3 'Structure model' struct_site                   
# 
loop_
_pdbx_audit_revision_item.ordinal 
_pdbx_audit_revision_item.revision_ordinal 
_pdbx_audit_revision_item.data_content_type 
_pdbx_audit_revision_item.item 
1  3 'Structure model' '_database_2.pdbx_DOI'                       
2  3 'Structure model' '_database_2.pdbx_database_accession'        
3  3 'Structure model' '_pdbx_struct_conn_angle.ptnr1_auth_seq_id'  
4  3 'Structure model' '_pdbx_struct_conn_angle.ptnr1_label_seq_id' 
5  3 'Structure model' '_pdbx_struct_conn_angle.ptnr3_auth_seq_id'  
6  3 'Structure model' '_pdbx_struct_conn_angle.ptnr3_label_seq_id' 
7  3 'Structure model' '_pdbx_struct_conn_angle.value'              
8  3 'Structure model' '_struct_conn.pdbx_dist_value'               
9  3 'Structure model' '_struct_conn.ptnr1_auth_seq_id'             
10 3 'Structure model' '_struct_conn.ptnr1_label_seq_id'            
11 3 'Structure model' '_struct_conn.ptnr2_auth_seq_id'             
12 3 'Structure model' '_struct_conn.ptnr2_label_asym_id'           
13 3 'Structure model' '_struct_site.pdbx_auth_asym_id'             
14 3 'Structure model' '_struct_site.pdbx_auth_comp_id'             
15 3 'Structure model' '_struct_site.pdbx_auth_seq_id'              
# 
loop_
_pdbx_refine_tls.pdbx_refine_id 
_pdbx_refine_tls.id 
_pdbx_refine_tls.details 
_pdbx_refine_tls.method 
_pdbx_refine_tls.origin_x 
_pdbx_refine_tls.origin_y 
_pdbx_refine_tls.origin_z 
_pdbx_refine_tls.T[1][1] 
_pdbx_refine_tls.T[2][2] 
_pdbx_refine_tls.T[3][3] 
_pdbx_refine_tls.T[1][2] 
_pdbx_refine_tls.T[1][3] 
_pdbx_refine_tls.T[2][3] 
_pdbx_refine_tls.L[1][1] 
_pdbx_refine_tls.L[2][2] 
_pdbx_refine_tls.L[3][3] 
_pdbx_refine_tls.L[1][2] 
_pdbx_refine_tls.L[1][3] 
_pdbx_refine_tls.L[2][3] 
_pdbx_refine_tls.S[1][1] 
_pdbx_refine_tls.S[2][2] 
_pdbx_refine_tls.S[3][3] 
_pdbx_refine_tls.S[1][2] 
_pdbx_refine_tls.S[1][3] 
_pdbx_refine_tls.S[2][3] 
_pdbx_refine_tls.S[2][1] 
_pdbx_refine_tls.S[3][1] 
_pdbx_refine_tls.S[3][2] 
'X-RAY DIFFRACTION' 1 ? refined 0.4786 0.2618 -3.6504 0.1471 0.1805 0.1665 -0.0443 -0.0248 0.0650 5.7884 5.3619 3.2198 1.1600 2.2015  -3.0547 0.0618  -0.0967 0.0349 0.2266 -0.1663 0.1810 -0.4900 -0.2715 -0.0747 
'X-RAY DIFFRACTION' 2 ? refined 0.2493 2.8171 4.9437  0.2185 0.1289 0.1585 0.0038  0.0308  0.0353 3.5926 7.9264 7.5780 1.4122 -2.5156 2.3516  -0.3740 0.0592  0.3149 0.4239 1.0077  0.2405 -0.0866 -0.2863 0.0484 
# 
loop_
_pdbx_refine_tls_group.pdbx_refine_id 
_pdbx_refine_tls_group.id 
_pdbx_refine_tls_group.refine_tls_id 
_pdbx_refine_tls_group.beg_auth_asym_id 
_pdbx_refine_tls_group.beg_auth_seq_id 
_pdbx_refine_tls_group.end_auth_asym_id 
_pdbx_refine_tls_group.end_auth_seq_id 
_pdbx_refine_tls_group.selection_details 
_pdbx_refine_tls_group.beg_label_asym_id 
_pdbx_refine_tls_group.beg_label_seq_id 
_pdbx_refine_tls_group.end_label_asym_id 
_pdbx_refine_tls_group.end_label_seq_id 
_pdbx_refine_tls_group.selection 
'X-RAY DIFFRACTION' 1 1 A 1 A 6  ? . . . . ? 
'X-RAY DIFFRACTION' 2 2 A 7 A 12 ? . . . . ? 
# 
loop_
_software.name 
_software.classification 
_software.version 
_software.citation_id 
_software.pdbx_ordinal 
DNA          'data collection' .        ? 1 
PHASER       phasing           .        ? 2 
REFMAC       refinement        5.5.0072 ? 3 
CrystalClear 'data reduction'  .        ? 4 
CrystalClear 'data scaling'    .        ? 5 
# 
loop_
_chem_comp_atom.comp_id 
_chem_comp_atom.atom_id 
_chem_comp_atom.type_symbol 
_chem_comp_atom.pdbx_aromatic_flag 
_chem_comp_atom.pdbx_stereo_config 
_chem_comp_atom.pdbx_ordinal 
A   OP3    O N N 1   
A   P      P N N 2   
A   OP1    O N N 3   
A   OP2    O N N 4   
A   "O5'"  O N N 5   
A   "C5'"  C N N 6   
A   "C4'"  C N R 7   
A   "O4'"  O N N 8   
A   "C3'"  C N S 9   
A   "O3'"  O N N 10  
A   "C2'"  C N R 11  
A   "O2'"  O N N 12  
A   "C1'"  C N R 13  
A   N9     N Y N 14  
A   C8     C Y N 15  
A   N7     N Y N 16  
A   C5     C Y N 17  
A   C6     C Y N 18  
A   N6     N N N 19  
A   N1     N Y N 20  
A   C2     C Y N 21  
A   N3     N Y N 22  
A   C4     C Y N 23  
A   HOP3   H N N 24  
A   HOP2   H N N 25  
A   "H5'"  H N N 26  
A   "H5''" H N N 27  
A   "H4'"  H N N 28  
A   "H3'"  H N N 29  
A   "HO3'" H N N 30  
A   "H2'"  H N N 31  
A   "HO2'" H N N 32  
A   "H1'"  H N N 33  
A   H8     H N N 34  
A   H61    H N N 35  
A   H62    H N N 36  
A   H2     H N N 37  
G   OP3    O N N 38  
G   P      P N N 39  
G   OP1    O N N 40  
G   OP2    O N N 41  
G   "O5'"  O N N 42  
G   "C5'"  C N N 43  
G   "C4'"  C N R 44  
G   "O4'"  O N N 45  
G   "C3'"  C N S 46  
G   "O3'"  O N N 47  
G   "C2'"  C N R 48  
G   "O2'"  O N N 49  
G   "C1'"  C N R 50  
G   N9     N Y N 51  
G   C8     C Y N 52  
G   N7     N Y N 53  
G   C5     C Y N 54  
G   C6     C N N 55  
G   O6     O N N 56  
G   N1     N N N 57  
G   C2     C N N 58  
G   N2     N N N 59  
G   N3     N N N 60  
G   C4     C Y N 61  
G   HOP3   H N N 62  
G   HOP2   H N N 63  
G   "H5'"  H N N 64  
G   "H5''" H N N 65  
G   "H4'"  H N N 66  
G   "H3'"  H N N 67  
G   "HO3'" H N N 68  
G   "H2'"  H N N 69  
G   "HO2'" H N N 70  
G   "H1'"  H N N 71  
G   H8     H N N 72  
G   H1     H N N 73  
G   H21    H N N 74  
G   H22    H N N 75  
HOH O      O N N 76  
HOH H1     H N N 77  
HOH H2     H N N 78  
K   K      K N N 79  
R14 CAA    C N N 80  
R14 CAB    C N N 81  
R14 CAC    C N N 82  
R14 CAD    C N N 83  
R14 OAE    O N N 84  
R14 OAF    O N N 85  
R14 CAG    C Y N 86  
R14 CAH    C Y N 87  
R14 CAI    C Y N 88  
R14 CAJ    C Y N 89  
R14 CAK    C Y N 90  
R14 CAL    C Y N 91  
R14 CAM    C Y N 92  
R14 CAN    C Y N 93  
R14 CAO    C Y N 94  
R14 CAP    C Y N 95  
R14 CAQ    C Y N 96  
R14 CAR    C Y N 97  
R14 CAS    C Y N 98  
R14 CAT    C Y N 99  
R14 CAU    C Y N 100 
R14 CAV    C Y N 101 
R14 CAW    C Y N 102 
R14 CAX    C N N 103 
R14 CAY    C N N 104 
R14 CAZ    C N N 105 
R14 CBA    C N N 106 
R14 CBB    C N N 107 
R14 CBC    C N N 108 
R14 CBD    C N N 109 
R14 CBE    C N N 110 
R14 NBF    N Y N 111 
R14 NBG    N Y N 112 
R14 NBH    N Y N 113 
R14 NBI    N Y N 114 
R14 NBJ    N Y N 115 
R14 NBK    N N N 116 
R14 NBL    N N N 117 
R14 CBM    C N N 118 
R14 CBN    C N N 119 
R14 CBO    C Y N 120 
R14 CBP    C Y N 121 
R14 CBQ    C Y N 122 
R14 CBR    C Y N 123 
R14 CBS    C Y N 124 
R14 CBT    C Y N 125 
R14 CBU    C Y N 126 
R14 CBV    C Y N 127 
R14 CBW    C Y N 128 
R14 CBX    C Y N 129 
R14 CBY    C Y N 130 
R14 CBZ    C Y N 131 
R14 NCA    N N N 132 
R14 NCB    N N N 133 
R14 NCC    N Y N 134 
R14 NCD    N Y N 135 
R14 HAA    H N N 136 
R14 HAAA   H N N 137 
R14 HAAB   H N N 138 
R14 HAB    H N N 139 
R14 HABA   H N N 140 
R14 HABB   H N N 141 
R14 HAC    H N N 142 
R14 HACA   H N N 143 
R14 HACB   H N N 144 
R14 HAD    H N N 145 
R14 HADA   H N N 146 
R14 HADB   H N N 147 
R14 HAG    H N N 148 
R14 HAH    H N N 149 
R14 HAI    H N N 150 
R14 HAJ    H N N 151 
R14 HAK    H N N 152 
R14 HAL    H N N 153 
R14 HAM    H N N 154 
R14 HAN    H N N 155 
R14 HAO    H N N 156 
R14 HAP    H N N 157 
R14 HAQ    H N N 158 
R14 HAR    H N N 159 
R14 HAS    H N N 160 
R14 HAT    H N N 161 
R14 HAU    H N N 162 
R14 HAV    H N N 163 
R14 HAW    H N N 164 
R14 HAX    H N N 165 
R14 HAXA   H N N 166 
R14 HAY    H N N 167 
R14 HAYA   H N N 168 
R14 HAZ    H N N 169 
R14 HAZA   H N N 170 
R14 HBA    H N N 171 
R14 HBAA   H N N 172 
R14 HBB    H N N 173 
R14 HBBA   H N N 174 
R14 HBC    H N N 175 
R14 HBCA   H N N 176 
R14 HBD    H N N 177 
R14 HBDA   H N N 178 
R14 HBE    H N N 179 
R14 HBEA   H N N 180 
R14 HNBK   H N N 181 
R14 HNBL   H N N 182 
U   OP3    O N N 183 
U   P      P N N 184 
U   OP1    O N N 185 
U   OP2    O N N 186 
U   "O5'"  O N N 187 
U   "C5'"  C N N 188 
U   "C4'"  C N R 189 
U   "O4'"  O N N 190 
U   "C3'"  C N S 191 
U   "O3'"  O N N 192 
U   "C2'"  C N R 193 
U   "O2'"  O N N 194 
U   "C1'"  C N R 195 
U   N1     N N N 196 
U   C2     C N N 197 
U   O2     O N N 198 
U   N3     N N N 199 
U   C4     C N N 200 
U   O4     O N N 201 
U   C5     C N N 202 
U   C6     C N N 203 
U   HOP3   H N N 204 
U   HOP2   H N N 205 
U   "H5'"  H N N 206 
U   "H5''" H N N 207 
U   "H4'"  H N N 208 
U   "H3'"  H N N 209 
U   "HO3'" H N N 210 
U   "H2'"  H N N 211 
U   "HO2'" H N N 212 
U   "H1'"  H N N 213 
U   H3     H N N 214 
U   H5     H N N 215 
U   H6     H N N 216 
# 
loop_
_chem_comp_bond.comp_id 
_chem_comp_bond.atom_id_1 
_chem_comp_bond.atom_id_2 
_chem_comp_bond.value_order 
_chem_comp_bond.pdbx_aromatic_flag 
_chem_comp_bond.pdbx_stereo_config 
_chem_comp_bond.pdbx_ordinal 
A   OP3   P      sing N N 1   
A   OP3   HOP3   sing N N 2   
A   P     OP1    doub N N 3   
A   P     OP2    sing N N 4   
A   P     "O5'"  sing N N 5   
A   OP2   HOP2   sing N N 6   
A   "O5'" "C5'"  sing N N 7   
A   "C5'" "C4'"  sing N N 8   
A   "C5'" "H5'"  sing N N 9   
A   "C5'" "H5''" sing N N 10  
A   "C4'" "O4'"  sing N N 11  
A   "C4'" "C3'"  sing N N 12  
A   "C4'" "H4'"  sing N N 13  
A   "O4'" "C1'"  sing N N 14  
A   "C3'" "O3'"  sing N N 15  
A   "C3'" "C2'"  sing N N 16  
A   "C3'" "H3'"  sing N N 17  
A   "O3'" "HO3'" sing N N 18  
A   "C2'" "O2'"  sing N N 19  
A   "C2'" "C1'"  sing N N 20  
A   "C2'" "H2'"  sing N N 21  
A   "O2'" "HO2'" sing N N 22  
A   "C1'" N9     sing N N 23  
A   "C1'" "H1'"  sing N N 24  
A   N9    C8     sing Y N 25  
A   N9    C4     sing Y N 26  
A   C8    N7     doub Y N 27  
A   C8    H8     sing N N 28  
A   N7    C5     sing Y N 29  
A   C5    C6     sing Y N 30  
A   C5    C4     doub Y N 31  
A   C6    N6     sing N N 32  
A   C6    N1     doub Y N 33  
A   N6    H61    sing N N 34  
A   N6    H62    sing N N 35  
A   N1    C2     sing Y N 36  
A   C2    N3     doub Y N 37  
A   C2    H2     sing N N 38  
A   N3    C4     sing Y N 39  
G   OP3   P      sing N N 40  
G   OP3   HOP3   sing N N 41  
G   P     OP1    doub N N 42  
G   P     OP2    sing N N 43  
G   P     "O5'"  sing N N 44  
G   OP2   HOP2   sing N N 45  
G   "O5'" "C5'"  sing N N 46  
G   "C5'" "C4'"  sing N N 47  
G   "C5'" "H5'"  sing N N 48  
G   "C5'" "H5''" sing N N 49  
G   "C4'" "O4'"  sing N N 50  
G   "C4'" "C3'"  sing N N 51  
G   "C4'" "H4'"  sing N N 52  
G   "O4'" "C1'"  sing N N 53  
G   "C3'" "O3'"  sing N N 54  
G   "C3'" "C2'"  sing N N 55  
G   "C3'" "H3'"  sing N N 56  
G   "O3'" "HO3'" sing N N 57  
G   "C2'" "O2'"  sing N N 58  
G   "C2'" "C1'"  sing N N 59  
G   "C2'" "H2'"  sing N N 60  
G   "O2'" "HO2'" sing N N 61  
G   "C1'" N9     sing N N 62  
G   "C1'" "H1'"  sing N N 63  
G   N9    C8     sing Y N 64  
G   N9    C4     sing Y N 65  
G   C8    N7     doub Y N 66  
G   C8    H8     sing N N 67  
G   N7    C5     sing Y N 68  
G   C5    C6     sing N N 69  
G   C5    C4     doub Y N 70  
G   C6    O6     doub N N 71  
G   C6    N1     sing N N 72  
G   N1    C2     sing N N 73  
G   N1    H1     sing N N 74  
G   C2    N2     sing N N 75  
G   C2    N3     doub N N 76  
G   N2    H21    sing N N 77  
G   N2    H22    sing N N 78  
G   N3    C4     sing N N 79  
HOH O     H1     sing N N 80  
HOH O     H2     sing N N 81  
R14 CAX   CAA    sing N N 82  
R14 CAA   HAA    sing N N 83  
R14 CAA   HAAA   sing N N 84  
R14 CAA   HAAB   sing N N 85  
R14 CAY   CAB    sing N N 86  
R14 CAB   HAB    sing N N 87  
R14 CAB   HABA   sing N N 88  
R14 CAB   HABB   sing N N 89  
R14 CAC   CAZ    sing N N 90  
R14 CAC   HAC    sing N N 91  
R14 CAC   HACA   sing N N 92  
R14 CAC   HACB   sing N N 93  
R14 CAD   CBA    sing N N 94  
R14 CAD   HAD    sing N N 95  
R14 CAD   HADA   sing N N 96  
R14 CAD   HADB   sing N N 97  
R14 OAE   CBM    doub N N 98  
R14 CBN   OAF    doub N N 99  
R14 CAK   CAG    doub Y N 100 
R14 CAG   CAI    sing Y N 101 
R14 CAG   HAG    sing N N 102 
R14 CAJ   CAH    doub Y N 103 
R14 CAH   CAL    sing Y N 104 
R14 CAH   HAH    sing N N 105 
R14 CAI   CBO    doub Y N 106 
R14 CAI   HAI    sing N N 107 
R14 CBP   CAJ    sing Y N 108 
R14 CAJ   HAJ    sing N N 109 
R14 CAK   CBQ    sing Y N 110 
R14 CAK   HAK    sing N N 111 
R14 CBR   CAL    doub Y N 112 
R14 CAL   HAL    sing N N 113 
R14 CAO   CAM    doub Y N 114 
R14 CAM   CBS    sing Y N 115 
R14 CAM   HAM    sing N N 116 
R14 CAN   CBT    doub Y N 117 
R14 CAN   CAP    sing Y N 118 
R14 CAN   HAN    sing N N 119 
R14 CBW   CAO    sing Y N 120 
R14 CAO   HAO    sing N N 121 
R14 CAP   CBX    doub Y N 122 
R14 CAP   HAP    sing N N 123 
R14 CBQ   CAQ    doub Y N 124 
R14 CAQ   CBO    sing Y N 125 
R14 CAQ   HAQ    sing N N 126 
R14 CBP   CAR    doub Y N 127 
R14 CAR   CBR    sing Y N 128 
R14 CAR   HAR    sing N N 129 
R14 CBY   CAS    sing Y N 130 
R14 CAS   CBS    doub Y N 131 
R14 CAS   HAS    sing N N 132 
R14 CBT   CAT    sing Y N 133 
R14 CAT   CBZ    doub Y N 134 
R14 CAT   HAT    sing N N 135 
R14 CBX   CAU    sing Y N 136 
R14 CAU   CBW    doub Y N 137 
R14 CAU   HAU    sing N N 138 
R14 NCC   CAV    sing Y N 139 
R14 CAV   CBU    doub Y N 140 
R14 CAV   HAV    sing N N 141 
R14 CBV   CAW    doub Y N 142 
R14 NCD   CAW    sing Y N 143 
R14 CAW   HAW    sing N N 144 
R14 NCA   CAX    sing N N 145 
R14 CAX   HAX    sing N N 146 
R14 CAX   HAXA   sing N N 147 
R14 CAY   NCA    sing N N 148 
R14 CAY   HAY    sing N N 149 
R14 CAY   HAYA   sing N N 150 
R14 CAZ   NCB    sing N N 151 
R14 CAZ   HAZ    sing N N 152 
R14 CAZ   HAZA   sing N N 153 
R14 NCB   CBA    sing N N 154 
R14 CBA   HBA    sing N N 155 
R14 CBA   HBAA   sing N N 156 
R14 CBM   CBB    sing N N 157 
R14 CBB   CBD    sing N N 158 
R14 CBB   HBB    sing N N 159 
R14 CBB   HBBA   sing N N 160 
R14 CBE   CBC    sing N N 161 
R14 CBC   CBN    sing N N 162 
R14 CBC   HBC    sing N N 163 
R14 CBC   HBCA   sing N N 164 
R14 CBD   NCA    sing N N 165 
R14 CBD   HBD    sing N N 166 
R14 CBD   HBDA   sing N N 167 
R14 NCB   CBE    sing N N 168 
R14 CBE   HBE    sing N N 169 
R14 CBE   HBEA   sing N N 170 
R14 NBH   NBF    doub Y N 171 
R14 CBU   NBF    sing Y N 172 
R14 NBG   NBI    doub Y N 173 
R14 NBG   CBV    sing Y N 174 
R14 NCC   NBH    sing Y N 175 
R14 NBI   NCD    sing Y N 176 
R14 CBZ   NBJ    sing Y N 177 
R14 NBJ   CBY    doub Y N 178 
R14 CBO   NBK    sing N N 179 
R14 NBK   CBM    sing N N 180 
R14 NBK   HNBK   sing N N 181 
R14 CBN   NBL    sing N N 182 
R14 NBL   CBP    sing N N 183 
R14 NBL   HNBL   sing N N 184 
R14 CBU   CBQ    sing Y N 185 
R14 CBR   CBV    sing Y N 186 
R14 CBS   NCC    sing Y N 187 
R14 NCD   CBT    sing Y N 188 
R14 CBW   CBY    sing Y N 189 
R14 CBX   CBZ    sing Y N 190 
U   OP3   P      sing N N 191 
U   OP3   HOP3   sing N N 192 
U   P     OP1    doub N N 193 
U   P     OP2    sing N N 194 
U   P     "O5'"  sing N N 195 
U   OP2   HOP2   sing N N 196 
U   "O5'" "C5'"  sing N N 197 
U   "C5'" "C4'"  sing N N 198 
U   "C5'" "H5'"  sing N N 199 
U   "C5'" "H5''" sing N N 200 
U   "C4'" "O4'"  sing N N 201 
U   "C4'" "C3'"  sing N N 202 
U   "C4'" "H4'"  sing N N 203 
U   "O4'" "C1'"  sing N N 204 
U   "C3'" "O3'"  sing N N 205 
U   "C3'" "C2'"  sing N N 206 
U   "C3'" "H3'"  sing N N 207 
U   "O3'" "HO3'" sing N N 208 
U   "C2'" "O2'"  sing N N 209 
U   "C2'" "C1'"  sing N N 210 
U   "C2'" "H2'"  sing N N 211 
U   "O2'" "HO2'" sing N N 212 
U   "C1'" N1     sing N N 213 
U   "C1'" "H1'"  sing N N 214 
U   N1    C2     sing N N 215 
U   N1    C6     sing N N 216 
U   C2    O2     doub N N 217 
U   C2    N3     sing N N 218 
U   N3    C4     sing N N 219 
U   N3    H3     sing N N 220 
U   C4    O4     doub N N 221 
U   C4    C5     sing N N 222 
U   C5    C6     doub N N 223 
U   C5    H5     sing N N 224 
U   C6    H6     sing N N 225 
# 
loop_
_ndb_struct_conf_na.entry_id 
_ndb_struct_conf_na.feature 
3MIJ 'double helix'         
3MIJ 'parallel strands'     
3MIJ 'mismatched base pair' 
# 
loop_
_ndb_struct_na_base_pair.model_number 
_ndb_struct_na_base_pair.i_label_asym_id 
_ndb_struct_na_base_pair.i_label_comp_id 
_ndb_struct_na_base_pair.i_label_seq_id 
_ndb_struct_na_base_pair.i_symmetry 
_ndb_struct_na_base_pair.j_label_asym_id 
_ndb_struct_na_base_pair.j_label_comp_id 
_ndb_struct_na_base_pair.j_label_seq_id 
_ndb_struct_na_base_pair.j_symmetry 
_ndb_struct_na_base_pair.shear 
_ndb_struct_na_base_pair.stretch 
_ndb_struct_na_base_pair.stagger 
_ndb_struct_na_base_pair.buckle 
_ndb_struct_na_base_pair.propeller 
_ndb_struct_na_base_pair.opening 
_ndb_struct_na_base_pair.pair_number 
_ndb_struct_na_base_pair.pair_name 
_ndb_struct_na_base_pair.i_auth_asym_id 
_ndb_struct_na_base_pair.i_auth_seq_id 
_ndb_struct_na_base_pair.i_PDB_ins_code 
_ndb_struct_na_base_pair.j_auth_asym_id 
_ndb_struct_na_base_pair.j_auth_seq_id 
_ndb_struct_na_base_pair.j_PDB_ins_code 
_ndb_struct_na_base_pair.hbond_type_28 
_ndb_struct_na_base_pair.hbond_type_12 
1 A G 3 1_555 A G 9  1_555 1.799 3.439 0.266  -7.931 2.474  -88.368 1 A_G3:G9_A  A 3 ? A 9  ? 6 3 
1 A G 4 1_555 A G 10 1_555 1.653 3.863 0.510  -8.953 -0.269 -87.937 2 A_G4:G10_A A 4 ? A 10 ? 6 3 
1 A G 5 1_555 A G 11 1_555 1.793 3.246 -0.011 6.900  -9.546 -92.780 3 A_G5:G11_A A 5 ? A 11 ? 6 3 
# 
loop_
_ndb_struct_na_base_pair_step.model_number 
_ndb_struct_na_base_pair_step.i_label_asym_id_1 
_ndb_struct_na_base_pair_step.i_label_comp_id_1 
_ndb_struct_na_base_pair_step.i_label_seq_id_1 
_ndb_struct_na_base_pair_step.i_symmetry_1 
_ndb_struct_na_base_pair_step.j_label_asym_id_1 
_ndb_struct_na_base_pair_step.j_label_comp_id_1 
_ndb_struct_na_base_pair_step.j_label_seq_id_1 
_ndb_struct_na_base_pair_step.j_symmetry_1 
_ndb_struct_na_base_pair_step.i_label_asym_id_2 
_ndb_struct_na_base_pair_step.i_label_comp_id_2 
_ndb_struct_na_base_pair_step.i_label_seq_id_2 
_ndb_struct_na_base_pair_step.i_symmetry_2 
_ndb_struct_na_base_pair_step.j_label_asym_id_2 
_ndb_struct_na_base_pair_step.j_label_comp_id_2 
_ndb_struct_na_base_pair_step.j_label_seq_id_2 
_ndb_struct_na_base_pair_step.j_symmetry_2 
_ndb_struct_na_base_pair_step.shift 
_ndb_struct_na_base_pair_step.slide 
_ndb_struct_na_base_pair_step.rise 
_ndb_struct_na_base_pair_step.tilt 
_ndb_struct_na_base_pair_step.roll 
_ndb_struct_na_base_pair_step.twist 
_ndb_struct_na_base_pair_step.x_displacement 
_ndb_struct_na_base_pair_step.y_displacement 
_ndb_struct_na_base_pair_step.helical_rise 
_ndb_struct_na_base_pair_step.inclination 
_ndb_struct_na_base_pair_step.tip 
_ndb_struct_na_base_pair_step.helical_twist 
_ndb_struct_na_base_pair_step.step_number 
_ndb_struct_na_base_pair_step.step_name 
_ndb_struct_na_base_pair_step.i_auth_asym_id_1 
_ndb_struct_na_base_pair_step.i_auth_seq_id_1 
_ndb_struct_na_base_pair_step.i_PDB_ins_code_1 
_ndb_struct_na_base_pair_step.j_auth_asym_id_1 
_ndb_struct_na_base_pair_step.j_auth_seq_id_1 
_ndb_struct_na_base_pair_step.j_PDB_ins_code_1 
_ndb_struct_na_base_pair_step.i_auth_asym_id_2 
_ndb_struct_na_base_pair_step.i_auth_seq_id_2 
_ndb_struct_na_base_pair_step.i_PDB_ins_code_2 
_ndb_struct_na_base_pair_step.j_auth_asym_id_2 
_ndb_struct_na_base_pair_step.j_auth_seq_id_2 
_ndb_struct_na_base_pair_step.j_PDB_ins_code_2 
1 A G 3 1_555 A G 9  1_555 A G 4 1_555 A G 10 1_555 -0.427 -1.320 3.171 2.164 -0.788 30.571 -2.346 1.220 3.166 -1.492 -4.097  
30.656 1 AA_G3G4:G10G9_AA  A 3 ? A 9  ? A 4 ? A 10 ? 
1 A G 4 1_555 A G 10 1_555 A G 5 1_555 A G 11 1_555 -0.321 -0.862 2.901 8.836 4.613  26.731 -2.648 2.372 2.490 9.565  -18.321 
28.497 2 AA_G4G5:G11G10_AA A 4 ? A 10 ? A 5 ? A 11 ? 
# 
loop_
_pdbx_entity_nonpoly.entity_id 
_pdbx_entity_nonpoly.name 
_pdbx_entity_nonpoly.comp_id 
2 'POTASSIUM ION'                                                                                           K   
3 "N,N'-[acridine-3,6-diylbis(1H-1,2,3-triazole-1,4-diylbenzene-3,1-diyl)]bis[3-(diethylamino)propanamide]" R14 
4 water                                                                                                     HOH 
# 
_pdbx_initial_refinement_model.id               1 
_pdbx_initial_refinement_model.entity_id_list   ? 
_pdbx_initial_refinement_model.type             'experimental model' 
_pdbx_initial_refinement_model.source_name      PDB 
_pdbx_initial_refinement_model.accession_code   3IBK 
_pdbx_initial_refinement_model.details          'PDB ID 3IBK' 
# 
